data_7XAQ
#
_entry.id   7XAQ
#
loop_
_entity.id
_entity.type
_entity.pdbx_description
1 polymer fadD1
2 polymer fadD1
3 polymer 'Probable transcriptional regulator'
#
loop_
_entity_poly.entity_id
_entity_poly.type
_entity_poly.pdbx_seq_one_letter_code
_entity_poly.pdbx_strand_id
1 'polydeoxyribonucleotide'
;(DG)(DA)(DC)(DC)(DG)(DT)(DG)(DA)(DC)(DC)(DG)(DA)(DG)(DA)(DC)(DT)(DA)(DA)(DT)(DG)
(DT)(DC)(DT)(DC)(DG)(DG)(DT)(DC)(DA)(DT)(DT)(DT)(DT)(DT)(DT)(DT)(DG)(DA)(DC)(DC)
(DG)(DA)(DA)
;
F,E
2 'polydeoxyribonucleotide'
;(DT)(DT)(DC)(DG)(DG)(DT)(DC)(DA)(DA)(DA)(DA)(DA)(DA)(DA)(DT)(DG)(DA)(DC)(DC)(DG)
(DA)(DG)(DA)(DC)(DA)(DT)(DT)(DA)(DG)(DT)(DC)(DT)(DC)(DG)(DG)(DT)(DC)(DA)(DC)(DG)
(DG)(DT)(DC)
;
J,I
3 'polypeptide(L)'
;MQKEPRKVREFRRREQEILDTALKLFLEQGEDSVTVEMIADAVGIGKGTIYKHFKSKAEIYLRLMLDYERDLAALFHSED
VARDKEALSRAYFEFRMRDPQRYRLFDRLEEKVVKTSQVPEMVEELHKIRASNFERLTQLIKERIADGKLENVPPYFHYC
AAWALVHGAVALYHSPFWREVLEDQEGFFHFLMDIGVRMGNKRKREGDAPSA
;
B,A,G,C,H,D
#
# COMPACT_ATOMS: atom_id res chain seq x y z
N GLU E 4 8.85 23.08 44.81
CA GLU E 4 10.06 22.94 44.01
C GLU E 4 9.97 23.77 42.72
N PRO E 5 11.12 24.09 42.14
CA PRO E 5 11.20 24.89 40.90
C PRO E 5 10.85 24.05 39.67
N ARG E 6 10.64 24.72 38.54
CA ARG E 6 10.31 24.03 37.31
C ARG E 6 11.53 23.32 36.73
N LYS E 7 12.25 22.55 37.55
CA LYS E 7 13.35 21.76 37.02
C LYS E 7 12.83 20.54 36.31
N VAL E 8 11.72 20.01 36.81
CA VAL E 8 10.88 19.12 36.01
C VAL E 8 10.59 19.79 34.68
N ARG E 9 10.03 21.00 34.76
CA ARG E 9 9.72 21.74 33.55
C ARG E 9 10.97 22.11 32.78
N GLU E 10 12.13 22.29 33.43
CA GLU E 10 13.29 22.70 32.64
C GLU E 10 13.85 21.52 31.84
N PHE E 11 13.91 20.32 32.43
CA PHE E 11 14.33 19.18 31.62
C PHE E 11 13.28 18.86 30.56
N ARG E 12 12.00 19.05 30.89
CA ARG E 12 10.94 18.85 29.91
C ARG E 12 11.11 19.78 28.72
N ARG E 13 11.34 21.07 28.97
CA ARG E 13 11.46 22.01 27.87
C ARG E 13 12.81 21.87 27.16
N ARG E 14 13.83 21.30 27.80
CA ARG E 14 14.97 20.85 27.04
C ARG E 14 14.54 19.83 26.00
N GLU E 15 13.74 18.85 26.42
CA GLU E 15 13.26 17.87 25.45
C GLU E 15 12.33 18.51 24.42
N GLN E 16 11.63 19.59 24.77
CA GLN E 16 10.73 20.24 23.80
C GLN E 16 11.51 21.09 22.81
N GLU E 17 12.41 21.94 23.31
CA GLU E 17 13.31 22.66 22.43
C GLU E 17 14.11 21.70 21.57
N ILE E 18 14.37 20.47 22.03
CA ILE E 18 15.08 19.49 21.23
C ILE E 18 14.14 18.76 20.27
N LEU E 19 12.86 18.59 20.64
CA LEU E 19 11.85 18.18 19.67
C LEU E 19 11.83 19.12 18.49
N ASP E 20 12.05 20.41 18.75
CA ASP E 20 12.12 21.41 17.67
C ASP E 20 13.51 21.51 17.04
N THR E 21 14.58 21.23 17.80
CA THR E 21 15.95 21.40 17.35
C THR E 21 16.38 20.26 16.44
N ALA E 22 16.26 19.02 16.92
CA ALA E 22 16.42 17.86 16.06
C ALA E 22 15.51 17.96 14.85
N LEU E 23 14.30 18.50 15.02
CA LEU E 23 13.40 18.68 13.88
C LEU E 23 14.01 19.62 12.85
N LYS E 24 14.34 20.86 13.25
CA LYS E 24 14.84 21.86 12.29
C LYS E 24 16.08 21.37 11.59
N LEU E 25 16.92 20.58 12.27
CA LEU E 25 17.97 19.87 11.56
C LEU E 25 17.37 18.89 10.56
N PHE E 26 16.62 17.92 11.07
CA PHE E 26 16.22 16.72 10.37
C PHE E 26 14.99 16.88 9.51
N LEU E 27 14.63 18.10 9.10
CA LEU E 27 13.63 18.26 8.06
C LEU E 27 14.09 17.58 6.78
N GLU E 28 15.41 17.58 6.56
CA GLU E 28 16.04 16.65 5.63
C GLU E 28 17.32 16.03 6.17
N GLN E 29 17.85 16.48 7.30
CA GLN E 29 19.05 15.88 7.84
C GLN E 29 18.72 14.56 8.51
N GLY E 30 19.76 13.77 8.70
CA GLY E 30 19.68 12.52 9.42
C GLY E 30 20.93 12.40 10.26
N GLU E 31 21.66 11.35 10.03
CA GLU E 31 23.01 11.15 10.55
C GLU E 31 23.97 10.78 9.43
N ASP E 32 23.54 9.93 8.49
CA ASP E 32 24.38 9.65 7.35
C ASP E 32 24.48 10.87 6.43
N SER E 33 23.59 11.85 6.61
CA SER E 33 23.62 13.13 5.92
C SER E 33 24.24 14.25 6.74
N VAL E 34 24.56 14.03 8.02
CA VAL E 34 25.18 15.02 8.89
C VAL E 34 25.94 14.33 10.02
N THR E 35 27.19 14.74 10.25
CA THR E 35 28.03 14.02 11.21
C THR E 35 27.49 14.20 12.62
N VAL E 36 27.17 13.06 13.25
CA VAL E 36 26.48 13.00 14.53
C VAL E 36 27.10 13.95 15.56
N GLU E 37 28.43 13.94 15.67
CA GLU E 37 29.08 14.99 16.45
C GLU E 37 28.87 16.37 15.83
N MET E 38 28.84 16.47 14.50
CA MET E 38 28.53 17.76 13.90
C MET E 38 27.04 18.07 13.98
N ILE E 39 26.18 17.05 14.13
CA ILE E 39 24.79 17.35 14.47
C ILE E 39 24.76 17.99 15.85
N ALA E 40 25.63 17.52 16.74
CA ALA E 40 25.84 18.22 18.00
C ALA E 40 26.21 19.67 17.74
N ASP E 41 27.18 19.88 16.84
CA ASP E 41 27.59 21.25 16.50
C ASP E 41 26.44 22.06 15.91
N ALA E 42 25.46 21.39 15.28
CA ALA E 42 24.55 22.02 14.34
C ALA E 42 23.36 22.72 14.97
N VAL E 43 23.27 22.77 16.30
CA VAL E 43 22.00 22.99 16.98
C VAL E 43 21.98 24.28 17.80
N GLY E 44 20.82 24.55 18.41
CA GLY E 44 20.69 25.71 19.29
C GLY E 44 21.77 25.78 20.34
N ILE E 45 21.78 24.82 21.28
CA ILE E 45 22.92 24.69 22.18
C ILE E 45 24.14 24.33 21.35
N GLY E 46 25.32 24.55 21.92
CA GLY E 46 26.54 24.20 21.22
C GLY E 46 26.65 22.69 21.02
N LYS E 47 27.77 22.29 20.42
CA LYS E 47 28.10 20.87 20.43
C LYS E 47 28.18 20.47 21.89
N GLY E 48 28.83 21.32 22.69
CA GLY E 48 29.06 21.06 24.08
C GLY E 48 27.88 20.52 24.86
N THR E 49 26.83 21.31 25.06
CA THR E 49 25.73 20.80 25.85
C THR E 49 25.02 19.62 25.19
N ILE E 50 25.24 19.42 23.88
CA ILE E 50 24.85 18.18 23.21
C ILE E 50 25.80 17.05 23.55
N TYR E 51 26.86 17.31 24.29
CA TYR E 51 27.57 16.25 24.99
C TYR E 51 27.46 16.33 26.51
N LYS E 52 26.89 17.41 27.06
CA LYS E 52 26.59 17.49 28.48
C LYS E 52 25.17 17.00 28.73
N HIS E 53 24.20 17.64 28.09
CA HIS E 53 22.85 17.11 28.09
C HIS E 53 22.77 15.79 27.35
N PHE E 54 23.59 15.62 26.31
CA PHE E 54 23.48 14.51 25.37
C PHE E 54 24.85 13.83 25.21
N LYS E 55 24.97 12.95 24.21
CA LYS E 55 26.26 12.50 23.67
C LYS E 55 26.09 12.42 22.15
N SER E 56 26.36 13.52 21.46
CA SER E 56 26.08 13.67 20.04
C SER E 56 24.65 13.24 19.73
N LYS E 57 23.76 14.04 20.28
CA LYS E 57 22.31 13.97 20.26
C LYS E 57 21.78 12.98 21.29
N ALA E 58 22.63 12.11 21.85
CA ALA E 58 22.19 10.80 22.31
C ALA E 58 21.12 10.90 23.39
N GLU E 59 21.48 11.43 24.56
CA GLU E 59 20.77 11.09 25.80
C GLU E 59 19.27 11.27 25.73
N ILE E 60 18.79 12.18 24.87
CA ILE E 60 17.36 12.31 24.62
C ILE E 60 17.11 12.36 23.11
N TYR E 61 18.10 11.94 22.28
CA TYR E 61 17.79 11.55 20.90
C TYR E 61 17.41 10.09 20.76
N LEU E 62 18.06 9.21 21.52
CA LEU E 62 17.45 7.93 21.84
C LEU E 62 15.99 8.15 22.22
N ARG E 63 15.75 9.17 23.02
CA ARG E 63 14.40 9.52 23.41
C ARG E 63 13.64 10.26 22.32
N LEU E 64 14.29 10.97 21.40
CA LEU E 64 13.55 11.56 20.28
C LEU E 64 13.01 10.47 19.36
N MET E 65 13.80 9.42 19.14
CA MET E 65 13.27 8.26 18.44
C MET E 65 12.24 7.55 19.30
N LEU E 66 12.48 7.45 20.59
CA LEU E 66 11.41 6.95 21.44
C LEU E 66 10.22 7.90 21.47
N ASP E 67 10.40 9.15 21.08
CA ASP E 67 9.32 10.12 21.03
C ASP E 67 8.56 10.03 19.74
N TYR E 68 9.22 9.62 18.66
CA TYR E 68 8.49 9.02 17.56
C TYR E 68 7.65 7.88 18.10
N GLU E 69 8.31 6.92 18.75
CA GLU E 69 7.64 5.76 19.32
C GLU E 69 6.61 6.13 20.39
N ARG E 70 6.72 7.36 20.93
CA ARG E 70 5.79 7.82 22.01
C ARG E 70 4.68 8.65 21.38
N ASP E 71 4.98 9.43 20.34
CA ASP E 71 3.85 10.11 19.65
C ASP E 71 3.00 8.94 19.20
N LEU E 72 3.62 7.75 19.11
CA LEU E 72 2.86 6.54 18.83
C LEU E 72 2.26 5.95 20.11
N ALA E 73 3.08 5.71 21.13
CA ALA E 73 2.63 5.07 22.37
C ALA E 73 1.75 5.94 23.24
N ALA E 74 1.56 7.21 22.89
CA ALA E 74 0.64 8.11 23.56
C ALA E 74 -0.58 8.39 22.72
N LEU E 75 -0.45 8.27 21.39
CA LEU E 75 -1.61 8.02 20.57
C LEU E 75 -2.32 6.77 21.07
N PHE E 76 -1.56 5.69 21.31
CA PHE E 76 -2.09 4.44 21.84
C PHE E 76 -3.07 4.68 22.98
N HIS E 77 -2.57 5.27 24.07
CA HIS E 77 -3.40 5.85 25.11
C HIS E 77 -3.76 7.29 24.74
N SER E 78 -4.49 7.41 23.61
CA SER E 78 -4.89 8.71 23.08
C SER E 78 -5.53 9.57 24.16
N GLU E 79 -4.95 10.75 24.39
CA GLU E 79 -5.44 11.65 25.43
C GLU E 79 -6.89 12.03 25.19
N ASP E 80 -7.31 12.03 23.92
CA ASP E 80 -8.72 12.16 23.60
C ASP E 80 -9.51 11.06 24.30
N VAL E 81 -10.64 11.44 24.92
CA VAL E 81 -11.41 10.49 25.71
C VAL E 81 -11.96 9.36 24.85
N ALA E 82 -12.10 9.58 23.54
CA ALA E 82 -12.64 8.55 22.68
C ALA E 82 -11.75 7.32 22.66
N ARG E 83 -10.63 7.40 21.92
CA ARG E 83 -9.69 6.25 21.80
C ARG E 83 -10.56 5.02 21.62
N ASP E 84 -11.67 5.16 20.89
CA ASP E 84 -12.65 4.04 20.80
C ASP E 84 -12.31 3.08 19.67
N LYS E 85 -12.18 3.54 18.42
CA LYS E 85 -12.00 2.56 17.31
C LYS E 85 -10.86 2.90 16.33
N GLU E 86 -11.14 2.87 15.02
CA GLU E 86 -10.09 3.06 13.97
C GLU E 86 -9.48 4.47 13.98
N ALA E 87 -10.10 5.43 14.68
CA ALA E 87 -9.53 6.80 14.77
C ALA E 87 -8.06 6.70 15.19
N LEU E 88 -7.66 5.58 15.79
CA LEU E 88 -6.29 5.43 16.28
C LEU E 88 -5.33 5.12 15.13
N SER E 89 -5.55 4.01 14.43
CA SER E 89 -4.66 3.63 13.34
C SER E 89 -4.70 4.67 12.22
N ARG E 90 -5.83 5.35 12.07
CA ARG E 90 -5.92 6.45 11.10
C ARG E 90 -4.90 7.54 11.42
N ALA E 91 -4.97 8.10 12.63
CA ALA E 91 -4.02 9.11 13.03
C ALA E 91 -2.60 8.56 13.06
N TYR E 92 -2.45 7.26 13.30
CA TYR E 92 -1.15 6.64 13.23
C TYR E 92 -0.56 6.77 11.83
N PHE E 93 -1.31 6.38 10.81
CA PHE E 93 -0.84 6.52 9.44
C PHE E 93 -0.56 7.98 9.11
N GLU E 94 -1.43 8.88 9.56
CA GLU E 94 -1.24 10.30 9.30
C GLU E 94 0.07 10.77 9.89
N PHE E 95 0.31 10.43 11.16
CA PHE E 95 1.61 10.65 11.79
C PHE E 95 2.75 10.08 10.96
N ARG E 96 2.58 8.84 10.48
CA ARG E 96 3.67 8.14 9.81
C ARG E 96 4.09 8.83 8.51
N MET E 97 3.13 9.40 7.78
CA MET E 97 3.39 9.83 6.41
C MET E 97 3.78 11.30 6.32
N ARG E 98 4.54 11.79 7.30
CA ARG E 98 4.88 13.21 7.40
C ARG E 98 6.38 13.39 7.47
N ASP E 99 6.76 14.42 6.73
CA ASP E 99 8.12 14.78 6.56
C ASP E 99 8.63 13.40 6.36
N PRO E 100 8.19 12.76 5.26
CA PRO E 100 8.56 11.43 4.77
C PRO E 100 10.07 11.08 4.86
N GLN E 101 11.01 12.05 4.70
CA GLN E 101 12.46 11.91 4.91
C GLN E 101 12.33 11.23 6.22
N ARG E 102 11.06 10.95 6.51
CA ARG E 102 10.89 10.18 7.74
C ARG E 102 11.49 8.80 7.61
N TYR E 103 10.94 7.98 6.71
CA TYR E 103 11.56 6.70 6.44
C TYR E 103 12.91 6.87 5.77
N ARG E 104 13.18 8.02 5.14
CA ARG E 104 14.52 8.31 4.65
C ARG E 104 15.51 8.55 5.79
N LEU E 105 15.08 9.25 6.85
CA LEU E 105 15.95 9.37 8.01
C LEU E 105 16.18 8.01 8.65
N PHE E 106 15.13 7.22 8.81
CA PHE E 106 15.36 5.89 9.35
C PHE E 106 16.10 5.00 8.36
N ASP E 107 16.14 5.36 7.08
CA ASP E 107 17.00 4.64 6.14
C ASP E 107 18.46 5.00 6.34
N ARG E 108 18.76 6.27 6.64
CA ARG E 108 20.12 6.62 7.05
C ARG E 108 20.48 5.91 8.35
N LEU E 109 19.53 5.82 9.27
CA LEU E 109 19.76 5.05 10.49
C LEU E 109 19.99 3.58 10.14
N GLU E 110 19.31 3.07 9.11
CA GLU E 110 19.53 1.71 8.67
C GLU E 110 20.92 1.55 8.05
N GLU E 111 21.40 2.60 7.38
CA GLU E 111 22.75 2.58 6.83
C GLU E 111 23.77 2.45 7.94
N LYS E 112 23.64 3.26 9.00
CA LYS E 112 24.75 3.49 9.91
C LYS E 112 24.59 2.89 11.30
N VAL E 113 23.39 2.85 11.90
CA VAL E 113 23.28 2.60 13.34
C VAL E 113 22.26 1.52 13.71
N VAL E 114 21.31 1.17 12.85
CA VAL E 114 20.13 0.45 13.34
C VAL E 114 20.42 -1.04 13.44
N LYS E 115 20.58 -1.71 12.32
CA LYS E 115 21.04 -3.09 12.34
C LYS E 115 22.55 -3.14 12.61
N THR E 116 23.23 -2.00 12.48
CA THR E 116 24.60 -1.89 12.96
C THR E 116 24.65 -1.83 14.48
N SER E 117 23.64 -1.21 15.10
CA SER E 117 23.62 -1.00 16.56
C SER E 117 24.85 -0.21 17.01
N GLN E 118 25.04 0.97 16.41
CA GLN E 118 26.13 1.83 16.82
C GLN E 118 25.76 2.59 18.09
N VAL E 119 24.51 3.02 18.20
CA VAL E 119 23.84 3.19 19.50
C VAL E 119 22.97 1.95 19.73
N PRO E 120 23.47 0.90 20.39
CA PRO E 120 22.55 -0.18 20.78
C PRO E 120 21.60 0.31 21.86
N GLU E 121 22.06 1.27 22.66
CA GLU E 121 21.22 1.95 23.63
C GLU E 121 20.00 2.59 22.97
N MET E 122 20.13 3.03 21.71
CA MET E 122 18.98 3.44 20.91
C MET E 122 18.26 2.25 20.29
N VAL E 123 18.94 1.54 19.37
CA VAL E 123 18.18 0.85 18.33
C VAL E 123 17.73 -0.54 18.76
N GLU E 124 18.50 -1.26 19.57
CA GLU E 124 18.04 -2.57 19.98
C GLU E 124 16.91 -2.46 21.02
N GLU E 125 17.01 -1.49 21.93
CA GLU E 125 15.87 -1.18 22.79
C GLU E 125 14.68 -0.73 21.97
N LEU E 126 14.93 0.11 20.95
CA LEU E 126 13.88 0.48 20.00
C LEU E 126 13.25 -0.76 19.38
N HIS E 127 14.07 -1.70 18.89
CA HIS E 127 13.54 -2.88 18.24
C HIS E 127 12.66 -3.69 19.20
N LYS E 128 13.20 -3.99 20.38
CA LYS E 128 12.49 -4.62 21.49
C LYS E 128 11.10 -4.04 21.69
N ILE E 129 11.07 -2.76 22.05
CA ILE E 129 9.85 -2.20 22.60
C ILE E 129 9.00 -1.55 21.53
N ARG E 130 9.52 -1.36 20.32
CA ARG E 130 8.66 -1.07 19.20
C ARG E 130 7.99 -2.33 18.70
N ALA E 131 8.61 -3.50 18.86
CA ALA E 131 7.86 -4.74 18.66
C ALA E 131 6.80 -4.90 19.73
N SER E 132 7.14 -4.55 20.97
CA SER E 132 6.16 -4.63 22.05
C SER E 132 4.98 -3.71 21.79
N ASN E 133 5.28 -2.45 21.47
CA ASN E 133 4.25 -1.47 21.19
C ASN E 133 3.55 -1.75 19.89
N PHE E 134 4.26 -2.39 18.96
CA PHE E 134 3.60 -2.92 17.78
C PHE E 134 2.53 -3.90 18.18
N GLU E 135 2.84 -4.79 19.11
CA GLU E 135 1.84 -5.73 19.56
C GLU E 135 0.80 -5.05 20.44
N ARG E 136 1.08 -3.84 20.91
CA ARG E 136 0.07 -3.08 21.64
C ARG E 136 -0.94 -2.43 20.70
N LEU E 137 -0.46 -1.82 19.62
CA LEU E 137 -1.42 -1.41 18.60
C LEU E 137 -2.10 -2.61 18.00
N THR E 138 -1.37 -3.72 17.88
CA THR E 138 -1.96 -4.95 17.41
C THR E 138 -2.92 -5.51 18.46
N GLN E 139 -2.78 -5.09 19.71
CA GLN E 139 -3.73 -5.43 20.74
C GLN E 139 -5.01 -4.63 20.57
N LEU E 140 -4.88 -3.34 20.26
CA LEU E 140 -6.07 -2.62 19.80
C LEU E 140 -6.68 -3.36 18.62
N ILE E 141 -5.85 -3.73 17.66
CA ILE E 141 -6.41 -4.30 16.45
C ILE E 141 -6.89 -5.71 16.70
N LYS E 142 -6.54 -6.29 17.85
CA LYS E 142 -7.27 -7.43 18.36
C LYS E 142 -8.63 -7.00 18.91
N GLU E 143 -8.72 -5.81 19.52
CA GLU E 143 -10.04 -5.27 19.84
C GLU E 143 -10.84 -4.99 18.57
N ARG E 144 -10.16 -4.75 17.46
CA ARG E 144 -10.81 -4.52 16.18
C ARG E 144 -11.25 -5.84 15.56
N ILE E 145 -10.43 -6.87 15.66
CA ILE E 145 -10.84 -8.21 15.27
C ILE E 145 -12.01 -8.66 16.12
N ALA E 146 -12.10 -8.15 17.35
CA ALA E 146 -13.31 -8.31 18.15
C ALA E 146 -14.46 -7.45 17.64
N ASP E 147 -14.15 -6.24 17.15
CA ASP E 147 -15.18 -5.38 16.58
C ASP E 147 -15.85 -6.03 15.38
N GLY E 148 -15.10 -6.76 14.56
CA GLY E 148 -15.61 -7.27 13.31
C GLY E 148 -15.53 -6.29 12.16
N LYS E 149 -15.23 -5.02 12.43
CA LYS E 149 -15.04 -4.05 11.35
C LYS E 149 -13.86 -4.45 10.47
N LEU E 150 -12.86 -5.09 11.06
CA LEU E 150 -11.75 -5.70 10.33
C LEU E 150 -11.93 -7.21 10.31
N GLU E 151 -11.20 -7.87 9.42
CA GLU E 151 -11.35 -9.30 9.24
C GLU E 151 -10.96 -10.06 10.51
N ASN E 152 -11.41 -11.31 10.59
CA ASN E 152 -11.05 -12.20 11.69
C ASN E 152 -9.83 -13.05 11.36
N VAL E 153 -8.96 -12.56 10.49
CA VAL E 153 -7.73 -13.24 10.09
C VAL E 153 -6.68 -12.86 11.13
N PRO E 154 -5.44 -13.34 11.03
CA PRO E 154 -4.41 -12.89 11.97
C PRO E 154 -4.27 -11.38 11.97
N PRO E 155 -3.68 -10.78 13.00
CA PRO E 155 -3.52 -9.32 12.97
C PRO E 155 -2.31 -8.87 12.19
N TYR E 156 -1.27 -9.71 12.12
CA TYR E 156 -0.11 -9.36 11.32
C TYR E 156 -0.46 -9.24 9.84
N PHE E 157 -1.51 -9.93 9.39
CA PHE E 157 -2.08 -9.67 8.07
C PHE E 157 -2.31 -8.18 7.86
N HIS E 158 -3.15 -7.61 8.71
CA HIS E 158 -3.53 -6.21 8.60
C HIS E 158 -2.34 -5.29 8.79
N TYR E 159 -1.48 -5.59 9.76
CA TYR E 159 -0.26 -4.81 9.94
C TYR E 159 0.58 -4.77 8.68
N CYS E 160 0.89 -5.94 8.11
CA CYS E 160 1.77 -5.99 6.97
C CYS E 160 1.16 -5.27 5.77
N ALA E 161 -0.16 -5.37 5.61
CA ALA E 161 -0.84 -4.59 4.58
C ALA E 161 -0.62 -3.09 4.82
N ALA E 162 -0.72 -2.67 6.08
CA ALA E 162 -0.50 -1.26 6.41
C ALA E 162 0.94 -0.84 6.16
N TRP E 163 1.91 -1.69 6.49
CA TRP E 163 3.31 -1.33 6.28
C TRP E 163 3.59 -1.15 4.80
N ALA E 164 3.09 -2.09 3.98
CA ALA E 164 3.21 -1.96 2.54
C ALA E 164 2.59 -0.65 2.07
N LEU E 165 1.39 -0.34 2.55
CA LEU E 165 0.68 0.86 2.11
C LEU E 165 1.43 2.14 2.51
N VAL E 166 2.05 2.13 3.68
CA VAL E 166 2.71 3.34 4.18
C VAL E 166 4.06 3.54 3.49
N HIS E 167 4.86 2.46 3.41
CA HIS E 167 6.11 2.55 2.65
C HIS E 167 5.83 2.91 1.21
N GLY E 168 4.68 2.47 0.67
CA GLY E 168 4.30 2.89 -0.66
C GLY E 168 4.05 4.38 -0.74
N ALA E 169 3.35 4.94 0.25
CA ALA E 169 3.17 6.40 0.30
C ALA E 169 4.51 7.11 0.29
N VAL E 170 5.45 6.63 1.11
CA VAL E 170 6.75 7.28 1.23
C VAL E 170 7.50 7.21 -0.10
N ALA E 171 7.70 5.99 -0.62
CA ALA E 171 8.44 5.84 -1.87
C ALA E 171 7.72 6.48 -3.04
N LEU E 172 6.40 6.64 -2.92
CA LEU E 172 5.62 7.35 -3.97
C LEU E 172 6.22 8.74 -4.12
N TYR E 173 6.34 9.48 -3.02
CA TYR E 173 6.89 10.86 -3.09
C TYR E 173 8.41 10.82 -3.29
N HIS E 174 8.90 9.83 -4.03
CA HIS E 174 10.35 9.74 -4.38
C HIS E 174 10.45 9.35 -5.86
N SER E 175 9.35 8.86 -6.43
CA SER E 175 9.33 8.40 -7.85
C SER E 175 9.84 9.51 -8.79
N PRO E 176 10.81 9.26 -9.72
CA PRO E 176 11.39 10.33 -10.56
C PRO E 176 10.36 11.29 -11.16
N PHE E 177 9.38 10.76 -11.90
CA PHE E 177 8.37 11.66 -12.54
C PHE E 177 6.99 11.04 -12.38
N TRP E 178 6.89 9.89 -11.71
CA TRP E 178 5.57 9.27 -11.45
C TRP E 178 5.11 9.65 -10.05
N ARG E 179 5.38 10.89 -9.63
CA ARG E 179 4.99 11.38 -8.29
C ARG E 179 4.61 12.85 -8.47
N GLU E 180 5.10 13.50 -9.52
CA GLU E 180 4.88 14.91 -9.79
C GLU E 180 3.46 15.15 -10.27
N VAL E 181 2.87 14.16 -10.94
CA VAL E 181 1.43 14.16 -11.19
C VAL E 181 0.68 14.27 -9.87
N LEU E 182 1.19 13.62 -8.82
CA LEU E 182 0.56 13.69 -7.51
C LEU E 182 1.08 14.84 -6.67
N GLU E 183 2.35 15.21 -6.84
CA GLU E 183 3.01 16.08 -5.88
C GLU E 183 2.32 17.44 -5.80
N ASP E 184 1.74 17.88 -6.90
CA ASP E 184 0.83 19.03 -6.91
C ASP E 184 -0.62 18.59 -6.84
N GLN E 185 -0.96 17.73 -5.88
CA GLN E 185 -2.35 17.30 -5.69
C GLN E 185 -2.55 16.89 -4.24
N GLU E 186 -3.48 17.58 -3.57
CA GLU E 186 -3.83 17.28 -2.19
C GLU E 186 -5.25 16.76 -2.05
N GLY E 187 -5.92 16.46 -3.16
CA GLY E 187 -6.95 15.44 -3.12
C GLY E 187 -6.42 14.10 -2.66
N PHE E 188 -5.11 13.88 -2.80
CA PHE E 188 -4.42 12.77 -2.16
C PHE E 188 -4.68 12.72 -0.66
N PHE E 189 -5.00 13.84 -0.01
CA PHE E 189 -5.25 13.78 1.43
C PHE E 189 -6.64 13.27 1.75
N HIS E 190 -7.65 13.65 0.98
CA HIS E 190 -8.92 12.93 1.09
C HIS E 190 -8.73 11.48 0.71
N PHE E 191 -7.80 11.20 -0.20
CA PHE E 191 -7.47 9.81 -0.48
C PHE E 191 -6.78 9.15 0.71
N LEU E 192 -6.05 9.92 1.52
CA LEU E 192 -5.49 9.38 2.76
C LEU E 192 -6.59 9.03 3.73
N MET E 193 -7.59 9.91 3.84
CA MET E 193 -8.76 9.61 4.66
C MET E 193 -9.41 8.32 4.20
N ASP E 194 -9.52 8.14 2.88
CA ASP E 194 -10.18 6.95 2.35
C ASP E 194 -9.31 5.70 2.50
N ILE E 195 -7.99 5.87 2.41
CA ILE E 195 -7.04 4.83 2.77
C ILE E 195 -7.29 4.36 4.20
N GLY E 196 -7.16 5.27 5.16
CA GLY E 196 -7.24 4.89 6.56
C GLY E 196 -8.58 4.31 6.93
N VAL E 197 -9.67 4.91 6.43
CA VAL E 197 -11.00 4.44 6.82
C VAL E 197 -11.28 3.06 6.22
N ARG E 198 -10.77 2.78 5.03
CA ARG E 198 -11.25 1.65 4.21
C ARG E 198 -10.08 0.85 3.62
N MET E 199 -9.13 0.47 4.47
CA MET E 199 -8.11 -0.52 4.11
C MET E 199 -8.15 -1.65 5.14
N GLY E 200 -8.06 -2.88 4.65
CA GLY E 200 -8.30 -4.04 5.48
C GLY E 200 -9.62 -3.99 6.22
N ASN E 201 -10.60 -3.31 5.66
CA ASN E 201 -11.79 -2.87 6.35
C ASN E 201 -12.99 -3.72 5.96
N LYS E 202 -14.17 -3.31 6.40
CA LYS E 202 -15.43 -3.98 6.12
C LYS E 202 -16.09 -3.36 4.91
N ARG E 203 -16.84 -4.18 4.18
CA ARG E 203 -17.66 -3.70 3.06
C ARG E 203 -18.71 -4.77 2.81
N LYS E 204 -19.97 -4.45 3.07
CA LYS E 204 -21.05 -5.42 2.98
C LYS E 204 -21.20 -5.94 1.55
N LYS F 7 15.40 -21.30 -41.58
CA LYS F 7 15.74 -19.90 -41.39
C LYS F 7 14.54 -19.11 -40.86
N VAL F 8 13.35 -19.41 -41.39
CA VAL F 8 12.16 -18.68 -40.97
C VAL F 8 11.70 -19.18 -39.61
N ARG F 9 11.26 -20.44 -39.56
CA ARG F 9 10.80 -21.00 -38.30
C ARG F 9 11.97 -21.47 -37.46
N GLU F 10 13.09 -21.75 -38.11
CA GLU F 10 14.38 -21.79 -37.40
C GLU F 10 14.50 -20.60 -36.47
N PHE F 11 14.35 -19.39 -37.02
CA PHE F 11 14.57 -18.19 -36.23
C PHE F 11 13.41 -17.95 -35.28
N ARG F 12 12.20 -18.39 -35.64
CA ARG F 12 11.08 -18.24 -34.70
C ARG F 12 11.31 -19.08 -33.44
N ARG F 13 11.60 -20.37 -33.63
CA ARG F 13 11.93 -21.24 -32.50
C ARG F 13 13.10 -20.67 -31.72
N ARG F 14 14.11 -20.15 -32.45
CA ARG F 14 15.24 -19.50 -31.80
C ARG F 14 14.79 -18.36 -30.90
N GLU F 15 13.84 -17.57 -31.36
CA GLU F 15 13.51 -16.34 -30.65
C GLU F 15 12.58 -16.61 -29.48
N GLN F 16 11.71 -17.62 -29.60
CA GLN F 16 10.90 -18.00 -28.45
C GLN F 16 11.74 -18.76 -27.43
N GLU F 17 12.76 -19.50 -27.89
CA GLU F 17 13.76 -20.03 -26.97
C GLU F 17 14.45 -18.91 -26.21
N ILE F 18 14.90 -17.88 -26.93
CA ILE F 18 15.46 -16.68 -26.31
C ILE F 18 14.50 -16.13 -25.26
N LEU F 19 13.24 -15.97 -25.63
CA LEU F 19 12.23 -15.40 -24.75
C LEU F 19 12.13 -16.19 -23.45
N ASP F 20 11.79 -17.47 -23.55
CA ASP F 20 11.59 -18.27 -22.34
C ASP F 20 12.89 -18.43 -21.56
N THR F 21 14.03 -18.45 -22.27
CA THR F 21 15.32 -18.51 -21.63
C THR F 21 15.51 -17.32 -20.68
N ALA F 22 15.50 -16.11 -21.24
CA ALA F 22 15.66 -14.93 -20.41
C ALA F 22 14.54 -14.82 -19.38
N LEU F 23 13.34 -15.28 -19.74
CA LEU F 23 12.20 -15.25 -18.84
C LEU F 23 12.50 -15.99 -17.54
N LYS F 24 12.76 -17.29 -17.64
CA LYS F 24 13.07 -18.07 -16.44
C LYS F 24 14.36 -17.60 -15.79
N LEU F 25 15.36 -17.26 -16.60
CA LEU F 25 16.68 -16.94 -16.07
C LEU F 25 16.66 -15.63 -15.28
N PHE F 26 15.66 -14.78 -15.54
CA PHE F 26 15.56 -13.48 -14.84
C PHE F 26 14.44 -13.56 -13.81
N LEU F 27 13.80 -14.72 -13.79
CA LEU F 27 12.80 -14.94 -12.72
C LEU F 27 13.63 -15.45 -11.55
N GLU F 28 14.68 -16.25 -11.83
CA GLU F 28 15.38 -16.94 -10.75
C GLU F 28 16.89 -17.06 -10.87
N GLN F 29 17.52 -16.70 -11.99
CA GLN F 29 18.94 -16.96 -12.21
C GLN F 29 19.70 -15.64 -12.29
N GLY F 30 20.26 -15.21 -11.17
CA GLY F 30 21.17 -14.09 -11.21
C GLY F 30 21.57 -13.68 -9.81
N GLU F 31 22.77 -13.12 -9.72
CA GLU F 31 23.35 -12.72 -8.44
C GLU F 31 24.44 -11.71 -8.74
N ASP F 32 25.37 -11.48 -7.81
CA ASP F 32 26.55 -10.69 -8.13
C ASP F 32 27.24 -11.40 -9.28
N SER F 33 27.17 -10.79 -10.45
CA SER F 33 27.33 -11.48 -11.72
C SER F 33 28.40 -10.81 -12.57
N VAL F 34 29.40 -11.66 -12.88
CA VAL F 34 30.44 -11.25 -13.85
C VAL F 34 29.63 -11.14 -15.14
N THR F 35 30.15 -10.50 -16.16
CA THR F 35 29.36 -10.14 -17.33
C THR F 35 28.94 -11.41 -18.09
N VAL F 36 28.17 -11.25 -19.17
CA VAL F 36 27.21 -12.22 -19.68
C VAL F 36 27.82 -13.59 -19.96
N GLU F 37 29.15 -13.67 -19.92
CA GLU F 37 29.89 -14.89 -19.64
C GLU F 37 29.41 -15.60 -18.37
N MET F 38 28.64 -14.95 -17.50
CA MET F 38 27.82 -15.63 -16.49
C MET F 38 26.34 -15.61 -16.80
N ILE F 39 25.78 -14.48 -17.28
CA ILE F 39 24.35 -14.37 -17.48
C ILE F 39 23.85 -15.39 -18.49
N ALA F 40 24.30 -15.27 -19.74
CA ALA F 40 23.79 -16.10 -20.81
C ALA F 40 24.49 -17.45 -20.86
N ASP F 41 25.62 -17.59 -20.16
CA ASP F 41 26.20 -18.90 -19.89
C ASP F 41 25.42 -19.67 -18.83
N ALA F 42 24.34 -19.12 -18.30
CA ALA F 42 23.39 -19.88 -17.51
C ALA F 42 22.77 -21.02 -18.29
N VAL F 43 22.71 -20.92 -19.61
CA VAL F 43 22.34 -22.03 -20.48
C VAL F 43 23.56 -22.57 -21.22
N GLY F 44 24.75 -22.40 -20.64
CA GLY F 44 25.98 -23.02 -21.12
C GLY F 44 26.33 -22.73 -22.56
N ILE F 45 26.75 -21.49 -22.88
CA ILE F 45 26.91 -21.09 -24.27
C ILE F 45 28.36 -20.70 -24.59
N GLY F 46 28.93 -19.73 -23.90
CA GLY F 46 30.29 -19.23 -24.20
C GLY F 46 30.33 -17.72 -24.08
N LYS F 47 31.22 -17.12 -24.89
CA LYS F 47 31.43 -15.66 -24.90
C LYS F 47 30.83 -14.98 -26.11
N GLY F 48 31.00 -15.62 -27.27
CA GLY F 48 30.42 -15.10 -28.53
C GLY F 48 29.25 -15.97 -28.86
N THR F 49 29.03 -16.94 -27.99
CA THR F 49 27.78 -17.69 -28.13
C THR F 49 26.78 -16.66 -27.64
N ILE F 50 27.18 -15.82 -26.70
CA ILE F 50 26.26 -14.72 -26.34
C ILE F 50 26.03 -13.83 -27.56
N TYR F 51 26.73 -14.02 -28.67
CA TYR F 51 26.69 -13.00 -29.72
C TYR F 51 25.98 -13.51 -30.95
N LYS F 52 26.08 -14.80 -31.24
CA LYS F 52 24.98 -15.44 -31.94
C LYS F 52 23.68 -15.15 -31.20
N HIS F 53 23.67 -15.26 -29.86
CA HIS F 53 22.38 -15.18 -29.16
C HIS F 53 21.94 -13.75 -28.93
N PHE F 54 22.70 -12.99 -28.14
CA PHE F 54 22.23 -11.76 -27.53
C PHE F 54 23.09 -10.54 -27.87
N LYS F 55 24.32 -10.76 -28.31
CA LYS F 55 25.15 -9.70 -28.89
C LYS F 55 25.59 -8.72 -27.82
N SER F 56 25.95 -9.26 -26.66
CA SER F 56 26.11 -8.44 -25.47
C SER F 56 26.94 -9.08 -24.36
N LYS F 57 28.20 -8.66 -24.20
CA LYS F 57 28.94 -9.05 -23.00
C LYS F 57 28.23 -8.62 -21.73
N ALA F 58 27.70 -7.40 -21.67
CA ALA F 58 26.90 -7.04 -20.50
C ALA F 58 25.73 -6.12 -20.83
N GLU F 59 25.22 -6.13 -22.05
CA GLU F 59 23.95 -5.46 -22.33
C GLU F 59 22.75 -6.26 -21.85
N ILE F 60 22.94 -7.52 -21.43
CA ILE F 60 21.84 -8.21 -20.76
C ILE F 60 21.69 -7.72 -19.33
N TYR F 61 22.65 -6.93 -18.84
CA TYR F 61 22.43 -6.22 -17.58
C TYR F 61 21.52 -5.01 -17.77
N LEU F 62 21.07 -4.79 -19.00
CA LEU F 62 19.79 -4.14 -19.21
C LEU F 62 18.80 -5.02 -19.93
N ARG F 63 19.21 -5.93 -20.81
CA ARG F 63 18.22 -6.72 -21.53
C ARG F 63 17.43 -7.66 -20.62
N LEU F 64 17.93 -7.96 -19.42
CA LEU F 64 17.03 -8.46 -18.40
C LEU F 64 15.82 -7.54 -18.29
N MET F 65 16.07 -6.25 -18.08
CA MET F 65 14.97 -5.29 -17.94
C MET F 65 14.22 -5.14 -19.26
N LEU F 66 14.93 -5.26 -20.39
CA LEU F 66 14.29 -4.98 -21.68
C LEU F 66 13.37 -6.12 -22.09
N ASP F 67 13.83 -7.37 -22.00
CA ASP F 67 12.95 -8.49 -22.26
C ASP F 67 11.84 -8.54 -21.22
N TYR F 68 12.14 -8.16 -19.97
CA TYR F 68 11.09 -8.00 -18.97
C TYR F 68 10.07 -6.97 -19.44
N GLU F 69 10.55 -5.85 -19.96
CA GLU F 69 9.71 -4.77 -20.44
C GLU F 69 8.97 -5.14 -21.71
N ARG F 70 9.48 -6.11 -22.46
CA ARG F 70 8.78 -6.63 -23.62
C ARG F 70 7.64 -7.56 -23.21
N ASP F 71 7.91 -8.45 -22.27
CA ASP F 71 6.82 -9.25 -21.72
C ASP F 71 5.77 -8.35 -21.09
N LEU F 72 6.22 -7.27 -20.44
CA LEU F 72 5.34 -6.17 -20.06
C LEU F 72 4.50 -5.70 -21.24
N ALA F 73 5.18 -5.31 -22.33
CA ALA F 73 4.50 -4.81 -23.52
C ALA F 73 3.42 -5.78 -23.99
N ALA F 74 3.66 -7.08 -23.81
CA ALA F 74 2.69 -8.08 -24.24
C ALA F 74 1.54 -8.20 -23.24
N LEU F 75 1.85 -8.29 -21.95
CA LEU F 75 0.82 -8.41 -20.91
C LEU F 75 0.04 -7.13 -20.68
N PHE F 76 0.27 -6.09 -21.48
CA PHE F 76 -0.62 -4.93 -21.54
C PHE F 76 -1.74 -5.14 -22.54
N HIS F 77 -2.09 -6.39 -22.81
CA HIS F 77 -3.27 -6.78 -23.58
C HIS F 77 -4.49 -5.94 -23.21
N SER F 78 -5.05 -5.29 -24.22
CA SER F 78 -6.34 -4.63 -24.13
C SER F 78 -7.43 -5.51 -24.75
N GLU F 79 -7.21 -6.83 -24.68
CA GLU F 79 -8.10 -7.82 -25.30
C GLU F 79 -8.87 -8.63 -24.28
N ASP F 80 -8.99 -8.16 -23.04
CA ASP F 80 -9.83 -8.81 -22.04
C ASP F 80 -11.25 -8.92 -22.56
N VAL F 81 -11.87 -10.09 -22.36
CA VAL F 81 -13.14 -10.43 -22.99
C VAL F 81 -14.25 -9.46 -22.57
N ALA F 82 -14.56 -9.44 -21.28
CA ALA F 82 -15.68 -8.64 -20.79
C ALA F 82 -15.49 -8.42 -19.29
N ARG F 83 -16.42 -7.67 -18.69
CA ARG F 83 -16.40 -7.43 -17.25
C ARG F 83 -15.10 -6.76 -16.84
N ASP F 84 -14.89 -5.51 -17.27
CA ASP F 84 -13.65 -4.79 -17.01
C ASP F 84 -13.24 -4.87 -15.55
N LYS F 85 -12.09 -5.50 -15.31
CA LYS F 85 -11.66 -5.88 -13.97
C LYS F 85 -10.74 -4.87 -13.31
N GLU F 86 -10.15 -3.96 -14.08
CA GLU F 86 -8.91 -3.27 -13.70
C GLU F 86 -7.78 -4.30 -13.71
N ALA F 87 -7.93 -5.37 -14.51
CA ALA F 87 -6.96 -6.45 -14.44
C ALA F 87 -5.73 -6.19 -15.29
N LEU F 88 -5.75 -5.21 -16.19
CA LEU F 88 -4.49 -4.64 -16.65
C LEU F 88 -3.63 -4.28 -15.46
N SER F 89 -4.15 -3.39 -14.61
CA SER F 89 -3.49 -3.05 -13.35
C SER F 89 -3.17 -4.30 -12.55
N ARG F 90 -4.18 -5.12 -12.27
CA ARG F 90 -4.05 -6.12 -11.22
C ARG F 90 -3.19 -7.28 -11.70
N ALA F 91 -3.23 -7.61 -12.98
CA ALA F 91 -2.35 -8.61 -13.54
C ALA F 91 -0.95 -8.08 -13.71
N TYR F 92 -0.78 -6.78 -13.93
CA TYR F 92 0.56 -6.20 -13.91
C TYR F 92 1.16 -6.31 -12.51
N PHE F 93 0.37 -5.94 -11.50
CA PHE F 93 0.77 -6.10 -10.11
C PHE F 93 1.05 -7.56 -9.78
N GLU F 94 0.20 -8.45 -10.27
CA GLU F 94 0.40 -9.88 -10.13
C GLU F 94 1.72 -10.30 -10.74
N PHE F 95 1.89 -10.03 -12.03
CA PHE F 95 3.15 -10.28 -12.75
C PHE F 95 4.36 -9.81 -11.96
N ARG F 96 4.34 -8.57 -11.49
CA ARG F 96 5.44 -8.07 -10.68
C ARG F 96 5.64 -8.87 -9.40
N MET F 97 4.60 -8.99 -8.59
CA MET F 97 4.72 -9.56 -7.25
C MET F 97 4.69 -11.08 -7.25
N ARG F 98 3.97 -11.71 -8.18
CA ARG F 98 3.99 -13.16 -8.25
C ARG F 98 5.39 -13.63 -8.54
N ASP F 99 5.78 -14.70 -7.85
CA ASP F 99 7.19 -14.98 -7.69
C ASP F 99 7.80 -13.70 -7.17
N PRO F 100 7.53 -13.30 -5.92
CA PRO F 100 8.13 -12.04 -5.43
C PRO F 100 9.65 -12.07 -5.47
N GLN F 101 10.23 -13.27 -5.56
CA GLN F 101 11.66 -13.36 -5.81
C GLN F 101 12.00 -12.89 -7.22
N ARG F 102 11.01 -12.76 -8.11
CA ARG F 102 11.25 -12.08 -9.38
C ARG F 102 11.76 -10.67 -9.14
N TYR F 103 11.03 -9.88 -8.34
CA TYR F 103 11.48 -8.53 -8.06
C TYR F 103 12.63 -8.52 -7.07
N ARG F 104 12.77 -9.56 -6.25
CA ARG F 104 14.00 -9.71 -5.49
C ARG F 104 15.20 -9.79 -6.43
N LEU F 105 15.07 -10.55 -7.50
CA LEU F 105 16.18 -10.71 -8.43
C LEU F 105 16.38 -9.46 -9.25
N PHE F 106 15.30 -8.74 -9.56
CA PHE F 106 15.45 -7.42 -10.17
C PHE F 106 16.23 -6.48 -9.26
N ASP F 107 15.81 -6.36 -8.00
CA ASP F 107 16.55 -5.57 -7.02
C ASP F 107 18.01 -6.00 -6.94
N ARG F 108 18.24 -7.31 -6.80
CA ARG F 108 19.61 -7.81 -6.71
C ARG F 108 20.42 -7.38 -7.92
N LEU F 109 20.09 -7.93 -9.10
CA LEU F 109 20.91 -7.70 -10.28
C LEU F 109 21.02 -6.23 -10.63
N GLU F 110 19.98 -5.44 -10.39
CA GLU F 110 20.09 -4.00 -10.56
C GLU F 110 21.18 -3.46 -9.65
N GLU F 111 21.02 -3.58 -8.34
CA GLU F 111 22.02 -2.99 -7.46
C GLU F 111 23.39 -3.70 -7.55
N LYS F 112 23.49 -4.82 -8.25
CA LYS F 112 24.80 -5.36 -8.62
C LYS F 112 25.40 -4.57 -9.76
N VAL F 113 24.68 -4.50 -10.89
CA VAL F 113 25.28 -4.09 -12.16
C VAL F 113 24.96 -2.65 -12.54
N VAL F 114 24.12 -1.95 -11.78
CA VAL F 114 23.50 -0.76 -12.34
C VAL F 114 24.55 0.33 -12.47
N LYS F 115 25.02 0.51 -13.71
CA LYS F 115 25.93 1.65 -13.99
C LYS F 115 25.00 2.78 -14.44
N THR F 116 24.79 3.81 -13.60
CA THR F 116 23.81 4.90 -13.89
C THR F 116 23.65 5.19 -15.38
N SER F 117 22.43 5.04 -15.92
CA SER F 117 22.12 5.28 -17.36
C SER F 117 22.80 4.25 -18.26
N GLN F 118 22.03 3.25 -18.71
CA GLN F 118 22.58 2.17 -19.57
C GLN F 118 22.54 2.61 -21.04
N VAL F 119 21.57 2.09 -21.82
CA VAL F 119 21.44 2.53 -23.24
C VAL F 119 20.44 3.71 -23.31
N PRO F 120 20.81 5.01 -23.46
CA PRO F 120 19.81 6.09 -23.45
C PRO F 120 18.69 5.77 -24.44
N GLU F 121 19.03 5.45 -25.69
CA GLU F 121 18.01 5.11 -26.72
C GLU F 121 16.98 4.14 -26.16
N MET F 122 17.41 2.94 -25.74
CA MET F 122 16.42 1.93 -25.28
C MET F 122 15.66 2.50 -24.08
N VAL F 123 16.36 3.05 -23.10
CA VAL F 123 15.76 3.55 -21.86
C VAL F 123 14.64 4.55 -22.17
N GLU F 124 14.86 5.44 -23.15
CA GLU F 124 13.84 6.45 -23.43
C GLU F 124 12.71 5.92 -24.30
N GLU F 125 12.97 4.99 -25.22
CA GLU F 125 11.86 4.33 -25.90
C GLU F 125 11.03 3.52 -24.91
N LEU F 126 11.70 2.88 -23.97
CA LEU F 126 11.03 2.27 -22.83
C LEU F 126 10.15 3.28 -22.11
N HIS F 127 10.73 4.40 -21.68
CA HIS F 127 9.96 5.43 -20.98
C HIS F 127 8.75 5.90 -21.79
N LYS F 128 8.95 6.13 -23.08
CA LYS F 128 7.86 6.47 -24.00
C LYS F 128 6.73 5.46 -23.87
N ILE F 129 7.03 4.20 -24.17
CA ILE F 129 5.94 3.24 -24.24
C ILE F 129 5.46 2.87 -22.85
N ARG F 130 6.28 3.07 -21.83
CA ARG F 130 5.82 2.95 -20.45
C ARG F 130 4.72 3.95 -20.18
N ALA F 131 4.93 5.20 -20.59
CA ALA F 131 3.87 6.19 -20.50
C ALA F 131 2.68 5.79 -21.35
N SER F 132 2.95 5.21 -22.52
CA SER F 132 1.87 4.87 -23.44
C SER F 132 1.02 3.73 -22.88
N ASN F 133 1.64 2.74 -22.27
CA ASN F 133 0.91 1.65 -21.67
C ASN F 133 0.41 2.02 -20.29
N PHE F 134 1.01 3.03 -19.66
CA PHE F 134 0.37 3.66 -18.53
C PHE F 134 -0.95 4.25 -18.96
N GLU F 135 -1.01 4.78 -20.17
CA GLU F 135 -2.26 5.29 -20.70
C GLU F 135 -3.20 4.17 -21.11
N ARG F 136 -2.67 3.02 -21.54
CA ARG F 136 -3.52 1.86 -21.79
C ARG F 136 -4.10 1.30 -20.50
N LEU F 137 -3.26 1.24 -19.47
CA LEU F 137 -3.70 0.87 -18.13
C LEU F 137 -4.74 1.85 -17.60
N THR F 138 -4.39 3.14 -17.66
CA THR F 138 -5.33 4.19 -17.32
C THR F 138 -6.57 4.12 -18.18
N GLN F 139 -6.49 3.50 -19.35
CA GLN F 139 -7.64 3.36 -20.23
C GLN F 139 -8.54 2.20 -19.84
N LEU F 140 -7.98 1.12 -19.30
CA LEU F 140 -8.87 0.18 -18.64
C LEU F 140 -9.52 0.85 -17.44
N ILE F 141 -8.77 1.73 -16.77
CA ILE F 141 -9.40 2.54 -15.74
C ILE F 141 -10.46 3.45 -16.35
N LYS F 142 -10.25 3.94 -17.58
CA LYS F 142 -11.29 4.70 -18.25
C LYS F 142 -12.51 3.84 -18.53
N GLU F 143 -12.29 2.54 -18.75
CA GLU F 143 -13.40 1.62 -18.99
C GLU F 143 -14.19 1.41 -17.71
N ARG F 144 -13.51 1.27 -16.57
CA ARG F 144 -14.23 1.20 -15.31
C ARG F 144 -14.76 2.56 -14.87
N ILE F 145 -14.25 3.65 -15.47
CA ILE F 145 -14.91 4.94 -15.35
C ILE F 145 -16.16 4.95 -16.22
N ALA F 146 -16.15 4.18 -17.30
CA ALA F 146 -17.38 3.91 -18.04
C ALA F 146 -18.30 3.00 -17.24
N ASP F 147 -17.74 2.18 -16.34
CA ASP F 147 -18.51 1.45 -15.35
C ASP F 147 -18.91 2.32 -14.17
N GLY F 148 -18.26 3.46 -13.97
CA GLY F 148 -18.50 4.25 -12.79
C GLY F 148 -18.07 3.57 -11.52
N LYS F 149 -17.11 2.64 -11.60
CA LYS F 149 -16.73 1.81 -10.47
C LYS F 149 -15.52 2.35 -9.73
N LEU F 150 -14.63 3.06 -10.42
CA LEU F 150 -13.47 3.70 -9.81
C LEU F 150 -13.66 5.22 -9.87
N GLU F 151 -13.01 5.90 -8.94
CA GLU F 151 -13.29 7.31 -8.74
C GLU F 151 -12.88 8.13 -9.95
N ASN F 152 -13.76 9.02 -10.38
CA ASN F 152 -13.50 9.89 -11.52
C ASN F 152 -12.58 11.01 -11.05
N VAL F 153 -11.30 10.82 -11.31
CA VAL F 153 -10.22 11.69 -10.87
C VAL F 153 -9.25 11.75 -12.04
N PRO F 154 -8.15 12.48 -11.98
CA PRO F 154 -7.06 12.15 -12.87
C PRO F 154 -6.47 10.82 -12.47
N PRO F 155 -6.76 9.73 -13.20
CA PRO F 155 -6.53 8.40 -12.61
C PRO F 155 -5.07 7.98 -12.60
N TYR F 156 -4.13 8.91 -12.87
CA TYR F 156 -2.79 8.68 -12.38
C TYR F 156 -2.79 8.54 -10.86
N PHE F 157 -3.78 9.13 -10.18
CA PHE F 157 -4.06 8.80 -8.78
C PHE F 157 -4.12 7.29 -8.57
N HIS F 158 -5.05 6.62 -9.27
CA HIS F 158 -5.25 5.19 -9.08
C HIS F 158 -4.00 4.40 -9.45
N TYR F 159 -3.43 4.74 -10.62
CA TYR F 159 -2.15 4.21 -11.05
C TYR F 159 -1.13 4.23 -9.92
N CYS F 160 -0.83 5.42 -9.41
CA CYS F 160 0.20 5.59 -8.40
C CYS F 160 -0.17 4.88 -7.10
N ALA F 161 -1.44 4.93 -6.72
CA ALA F 161 -1.87 4.35 -5.45
C ALA F 161 -1.58 2.87 -5.41
N ALA F 162 -2.02 2.13 -6.43
CA ALA F 162 -1.79 0.69 -6.43
C ALA F 162 -0.35 0.36 -6.81
N TRP F 163 0.29 1.23 -7.61
CA TRP F 163 1.70 1.10 -7.90
C TRP F 163 2.51 1.07 -6.61
N ALA F 164 2.17 1.95 -5.68
CA ALA F 164 2.90 1.99 -4.41
C ALA F 164 2.42 0.90 -3.47
N LEU F 165 1.14 0.52 -3.58
CA LEU F 165 0.62 -0.63 -2.86
C LEU F 165 1.48 -1.88 -3.11
N VAL F 166 2.04 -2.00 -4.30
CA VAL F 166 2.93 -3.11 -4.62
C VAL F 166 4.41 -2.76 -4.44
N HIS F 167 4.80 -1.51 -4.70
CA HIS F 167 6.18 -1.09 -4.46
C HIS F 167 6.56 -1.28 -3.00
N GLY F 168 5.59 -1.17 -2.10
CA GLY F 168 5.86 -1.46 -0.69
C GLY F 168 5.79 -2.93 -0.37
N ALA F 169 4.97 -3.69 -1.11
CA ALA F 169 5.01 -5.15 -0.99
C ALA F 169 6.40 -5.68 -1.26
N VAL F 170 7.11 -5.02 -2.17
CA VAL F 170 8.50 -5.44 -2.53
C VAL F 170 9.43 -5.23 -1.32
N ALA F 171 9.41 -4.04 -0.70
CA ALA F 171 10.35 -3.75 0.41
C ALA F 171 9.91 -4.48 1.68
N LEU F 172 8.61 -4.75 1.83
CA LEU F 172 8.11 -5.51 3.00
C LEU F 172 8.56 -6.97 2.83
N TYR F 173 8.77 -7.39 1.59
CA TYR F 173 9.25 -8.78 1.32
C TYR F 173 10.79 -8.79 1.29
N HIS F 174 11.42 -7.67 0.92
CA HIS F 174 12.89 -7.64 0.76
C HIS F 174 13.59 -7.09 2.03
N SER F 175 13.43 -5.81 2.33
CA SER F 175 14.12 -5.19 3.49
C SER F 175 13.63 -5.83 4.79
N PRO F 176 14.48 -6.59 5.56
CA PRO F 176 14.01 -7.33 6.75
C PRO F 176 13.23 -6.47 7.73
N PHE F 177 11.95 -6.78 7.88
CA PHE F 177 11.08 -6.03 8.84
C PHE F 177 10.19 -7.00 9.62
N TRP F 178 9.05 -7.40 9.05
CA TRP F 178 8.10 -8.25 9.81
C TRP F 178 7.44 -9.29 8.92
N ARG F 179 7.31 -9.02 7.62
CA ARG F 179 6.75 -10.04 6.70
C ARG F 179 7.72 -11.22 6.64
N GLU F 180 9.03 -10.97 6.56
CA GLU F 180 10.07 -11.99 6.49
C GLU F 180 10.16 -12.74 7.81
N VAL F 181 9.65 -12.13 8.89
CA VAL F 181 9.47 -12.87 10.13
C VAL F 181 8.26 -13.78 10.04
N LEU F 182 7.20 -13.34 9.36
CA LEU F 182 5.95 -14.15 9.28
C LEU F 182 5.66 -14.49 7.81
N GLU F 183 6.69 -14.82 7.03
CA GLU F 183 6.55 -15.14 5.59
C GLU F 183 6.48 -16.65 5.58
N ASP F 184 7.17 -17.25 6.55
CA ASP F 184 7.00 -18.69 6.67
C ASP F 184 5.54 -19.08 6.48
N GLN F 185 4.63 -18.30 7.05
CA GLN F 185 3.19 -18.49 6.86
C GLN F 185 2.75 -17.56 5.73
N GLU F 186 2.56 -18.10 4.53
CA GLU F 186 2.12 -17.28 3.41
C GLU F 186 0.59 -17.19 3.36
N GLY F 187 -0.02 -16.98 4.53
CA GLY F 187 -1.35 -16.44 4.54
C GLY F 187 -1.35 -15.00 4.09
N PHE F 188 -0.21 -14.33 4.22
CA PHE F 188 -0.09 -12.97 3.72
C PHE F 188 -0.03 -12.94 2.20
N PHE F 189 0.68 -13.88 1.58
CA PHE F 189 0.63 -13.97 0.13
C PHE F 189 -0.74 -14.46 -0.32
N HIS F 190 -1.38 -15.30 0.50
CA HIS F 190 -2.77 -15.64 0.21
C HIS F 190 -3.67 -14.42 0.33
N PHE F 191 -3.28 -13.42 1.11
CA PHE F 191 -4.08 -12.20 1.23
C PHE F 191 -3.82 -11.28 0.06
N LEU F 192 -2.58 -11.24 -0.42
CA LEU F 192 -2.33 -10.66 -1.74
C LEU F 192 -3.22 -11.30 -2.79
N MET F 193 -3.37 -12.62 -2.72
CA MET F 193 -4.27 -13.30 -3.64
C MET F 193 -5.73 -12.88 -3.42
N ASP F 194 -6.12 -12.76 -2.15
CA ASP F 194 -7.48 -12.35 -1.84
C ASP F 194 -7.78 -10.97 -2.40
N ILE F 195 -6.82 -10.05 -2.28
CA ILE F 195 -6.90 -8.77 -2.97
C ILE F 195 -7.02 -9.00 -4.47
N GLY F 196 -6.25 -9.95 -4.99
CA GLY F 196 -6.35 -10.35 -6.38
C GLY F 196 -7.75 -10.74 -6.83
N VAL F 197 -8.51 -11.39 -5.95
CA VAL F 197 -9.82 -11.91 -6.33
C VAL F 197 -10.94 -11.00 -5.84
N ARG F 198 -10.69 -10.22 -4.79
CA ARG F 198 -11.69 -9.32 -4.21
C ARG F 198 -11.62 -7.92 -4.79
N MET F 199 -11.22 -7.80 -6.05
CA MET F 199 -11.14 -6.53 -6.73
C MET F 199 -12.50 -5.84 -6.80
N GLY F 200 -12.53 -4.59 -6.31
CA GLY F 200 -13.65 -3.68 -6.49
C GLY F 200 -15.03 -4.24 -6.24
N ASN F 201 -15.21 -5.06 -5.21
CA ASN F 201 -16.50 -5.67 -4.94
C ASN F 201 -17.55 -4.60 -4.64
N LYS F 202 -18.74 -4.77 -5.22
CA LYS F 202 -19.82 -3.81 -5.03
C LYS F 202 -20.25 -3.77 -3.57
N ARG F 203 -20.83 -2.65 -3.17
CA ARG F 203 -21.25 -2.44 -1.79
C ARG F 203 -22.62 -3.06 -1.56
N LYS F 204 -22.64 -4.21 -0.88
CA LYS F 204 -23.90 -4.87 -0.54
C LYS F 204 -24.43 -4.35 0.79
N GLU G 4 21.72 -25.33 -24.81
CA GLU G 4 22.70 -26.23 -25.42
C GLU G 4 23.40 -25.59 -26.64
N PRO G 5 24.73 -25.78 -26.74
CA PRO G 5 25.64 -25.20 -27.75
C PRO G 5 25.35 -25.32 -29.26
N ARG G 6 26.29 -24.69 -29.97
CA ARG G 6 26.35 -24.37 -31.39
C ARG G 6 26.00 -25.46 -32.38
N LYS G 7 26.90 -26.42 -32.48
CA LYS G 7 26.85 -27.38 -33.56
C LYS G 7 26.04 -28.59 -33.15
N VAL G 8 25.86 -28.77 -31.84
CA VAL G 8 24.71 -29.46 -31.29
C VAL G 8 23.49 -28.95 -32.03
N ARG G 9 23.30 -27.63 -31.99
CA ARG G 9 22.12 -27.01 -32.60
C ARG G 9 22.05 -27.31 -34.09
N GLU G 10 23.08 -26.91 -34.84
CA GLU G 10 23.05 -27.07 -36.29
C GLU G 10 22.80 -28.53 -36.69
N PHE G 11 23.68 -29.43 -36.23
CA PHE G 11 23.61 -30.83 -36.58
C PHE G 11 22.26 -31.44 -36.20
N ARG G 12 21.90 -31.32 -34.92
CA ARG G 12 20.69 -31.97 -34.41
C ARG G 12 19.44 -31.43 -35.10
N ARG G 13 19.30 -30.10 -35.17
CA ARG G 13 18.13 -29.51 -35.80
C ARG G 13 17.98 -29.97 -37.24
N ARG G 14 19.05 -29.82 -38.04
CA ARG G 14 19.00 -30.19 -39.44
C ARG G 14 18.60 -31.65 -39.61
N GLU G 15 19.30 -32.56 -38.93
CA GLU G 15 19.04 -33.99 -39.16
C GLU G 15 17.65 -34.39 -38.64
N GLN G 16 17.27 -33.90 -37.44
CA GLN G 16 15.98 -34.26 -36.88
C GLN G 16 14.84 -33.85 -37.80
N GLU G 17 14.84 -32.59 -38.26
CA GLU G 17 13.71 -32.17 -39.08
C GLU G 17 13.77 -32.79 -40.48
N ILE G 18 14.98 -33.11 -40.97
CA ILE G 18 15.10 -33.90 -42.19
C ILE G 18 14.35 -35.22 -42.05
N LEU G 19 14.56 -35.92 -40.93
CA LEU G 19 13.86 -37.18 -40.71
C LEU G 19 12.36 -36.96 -40.63
N ASP G 20 11.94 -35.97 -39.83
CA ASP G 20 10.52 -35.74 -39.63
C ASP G 20 9.79 -35.23 -40.87
N THR G 21 10.52 -34.69 -41.85
CA THR G 21 9.92 -34.35 -43.13
C THR G 21 9.74 -35.61 -43.98
N ALA G 22 10.83 -36.36 -44.16
CA ALA G 22 10.77 -37.55 -45.01
C ALA G 22 9.74 -38.55 -44.50
N LEU G 23 9.48 -38.58 -43.18
CA LEU G 23 8.50 -39.50 -42.62
C LEU G 23 7.15 -39.34 -43.30
N LYS G 24 6.53 -38.18 -43.14
CA LYS G 24 5.19 -37.99 -43.69
C LYS G 24 5.20 -37.89 -45.20
N LEU G 25 6.31 -37.44 -45.80
CA LEU G 25 6.42 -37.56 -47.25
C LEU G 25 6.24 -39.00 -47.70
N PHE G 26 6.91 -39.94 -47.03
CA PHE G 26 6.76 -41.34 -47.42
C PHE G 26 5.37 -41.85 -47.09
N LEU G 27 4.79 -41.38 -45.98
CA LEU G 27 3.43 -41.80 -45.66
C LEU G 27 2.45 -41.34 -46.72
N GLU G 28 2.77 -40.27 -47.45
CA GLU G 28 1.94 -39.90 -48.59
C GLU G 28 2.06 -40.93 -49.70
N GLN G 29 3.27 -41.13 -50.21
CA GLN G 29 3.50 -41.84 -51.47
C GLN G 29 4.25 -43.15 -51.27
N GLY G 30 5.44 -43.10 -50.69
CA GLY G 30 6.35 -44.23 -50.68
C GLY G 30 7.78 -43.75 -50.64
N GLU G 31 8.68 -44.56 -51.19
CA GLU G 31 10.12 -44.33 -51.08
C GLU G 31 10.86 -44.21 -52.41
N ASP G 32 10.32 -44.78 -53.49
CA ASP G 32 10.74 -44.40 -54.84
C ASP G 32 9.88 -43.28 -55.38
N SER G 33 8.61 -43.22 -54.95
CA SER G 33 7.77 -42.05 -55.23
C SER G 33 8.38 -40.80 -54.63
N VAL G 34 8.49 -40.76 -53.30
CA VAL G 34 9.28 -39.72 -52.64
C VAL G 34 10.74 -40.01 -52.87
N THR G 35 11.54 -38.94 -52.95
CA THR G 35 12.98 -39.08 -53.15
C THR G 35 13.67 -37.92 -52.44
N VAL G 36 14.98 -37.79 -52.68
CA VAL G 36 15.84 -36.88 -51.93
C VAL G 36 15.34 -35.45 -52.05
N GLU G 37 15.31 -34.93 -53.29
CA GLU G 37 15.05 -33.50 -53.50
C GLU G 37 13.69 -33.10 -52.95
N MET G 38 12.70 -33.99 -53.08
CA MET G 38 11.42 -33.80 -52.42
C MET G 38 11.59 -33.53 -50.94
N ILE G 39 12.41 -34.36 -50.29
CA ILE G 39 12.54 -34.30 -48.84
C ILE G 39 13.25 -33.03 -48.41
N ALA G 40 14.40 -32.75 -49.04
CA ALA G 40 15.13 -31.53 -48.74
C ALA G 40 14.26 -30.30 -48.91
N ASP G 41 13.68 -30.13 -50.10
CA ASP G 41 12.83 -28.97 -50.36
C ASP G 41 11.61 -28.93 -49.44
N ALA G 42 11.15 -30.09 -48.96
CA ALA G 42 10.03 -30.14 -48.05
C ALA G 42 10.38 -29.74 -46.63
N VAL G 43 11.66 -29.80 -46.26
CA VAL G 43 12.05 -29.38 -44.91
C VAL G 43 11.81 -27.89 -44.73
N GLY G 44 12.26 -27.09 -45.69
CA GLY G 44 12.54 -25.67 -45.48
C GLY G 44 14.00 -25.33 -45.69
N ILE G 45 14.82 -26.32 -46.01
CA ILE G 45 16.25 -26.21 -46.26
C ILE G 45 16.46 -27.04 -47.52
N GLY G 46 17.71 -27.30 -47.89
CA GLY G 46 18.02 -27.97 -49.13
C GLY G 46 18.77 -29.28 -48.98
N LYS G 47 19.12 -29.87 -50.12
CA LYS G 47 19.76 -31.22 -50.11
C LYS G 47 21.26 -31.16 -49.84
N GLY G 48 21.84 -30.06 -49.36
CA GLY G 48 23.28 -30.03 -49.20
C GLY G 48 23.59 -30.21 -47.74
N THR G 49 22.70 -29.69 -46.90
CA THR G 49 22.50 -30.26 -45.57
C THR G 49 22.46 -31.79 -45.68
N ILE G 50 21.63 -32.28 -46.60
CA ILE G 50 21.52 -33.72 -46.83
C ILE G 50 22.87 -34.27 -47.30
N TYR G 51 23.33 -33.80 -48.45
CA TYR G 51 24.49 -34.39 -49.14
C TYR G 51 25.80 -34.21 -48.38
N LYS G 52 25.81 -33.45 -47.29
CA LYS G 52 26.93 -33.43 -46.36
C LYS G 52 26.57 -34.06 -45.02
N HIS G 53 25.33 -34.52 -44.84
CA HIS G 53 24.97 -35.44 -43.78
C HIS G 53 24.74 -36.85 -44.30
N PHE G 54 23.82 -37.01 -45.26
CA PHE G 54 23.63 -38.28 -45.97
C PHE G 54 23.52 -37.99 -47.46
N LYS G 55 24.29 -38.67 -48.28
CA LYS G 55 24.19 -38.41 -49.71
C LYS G 55 22.98 -39.14 -50.31
N SER G 56 22.99 -40.46 -50.30
CA SER G 56 22.01 -41.25 -51.05
C SER G 56 20.98 -41.87 -50.13
N LYS G 57 19.88 -42.31 -50.77
CA LYS G 57 18.66 -42.69 -50.04
C LYS G 57 18.91 -43.83 -49.06
N ALA G 58 19.85 -44.73 -49.37
CA ALA G 58 20.06 -45.89 -48.51
C ALA G 58 20.55 -45.48 -47.13
N GLU G 59 21.50 -44.54 -47.09
CA GLU G 59 21.95 -43.99 -45.82
C GLU G 59 20.79 -43.43 -45.03
N ILE G 60 19.91 -42.70 -45.70
CA ILE G 60 18.73 -42.14 -45.06
C ILE G 60 17.87 -43.25 -44.48
N TYR G 61 17.56 -44.26 -45.29
CA TYR G 61 16.68 -45.33 -44.83
C TYR G 61 17.29 -46.08 -43.66
N LEU G 62 18.59 -46.30 -43.69
CA LEU G 62 19.24 -47.04 -42.61
C LEU G 62 19.26 -46.22 -41.33
N ARG G 63 19.55 -44.91 -41.45
CA ARG G 63 19.39 -44.00 -40.33
C ARG G 63 17.99 -44.10 -39.74
N LEU G 64 16.98 -44.02 -40.60
CA LEU G 64 15.59 -44.07 -40.16
C LEU G 64 15.28 -45.38 -39.46
N MET G 65 15.82 -46.47 -39.98
CA MET G 65 15.42 -47.78 -39.49
C MET G 65 16.10 -48.12 -38.19
N LEU G 66 17.37 -47.74 -38.02
CA LEU G 66 17.97 -47.93 -36.71
C LEU G 66 17.46 -46.90 -35.71
N ASP G 67 16.93 -45.76 -36.17
CA ASP G 67 16.21 -44.90 -35.25
C ASP G 67 14.90 -45.54 -34.82
N TYR G 68 14.20 -46.17 -35.75
CA TYR G 68 13.03 -46.97 -35.42
C TYR G 68 13.38 -48.08 -34.44
N GLU G 69 14.56 -48.67 -34.62
CA GLU G 69 14.98 -49.76 -33.74
C GLU G 69 15.33 -49.24 -32.35
N ARG G 70 15.90 -48.04 -32.27
CA ARG G 70 16.13 -47.44 -30.96
C ARG G 70 14.81 -47.07 -30.28
N ASP G 71 13.81 -46.67 -31.08
CA ASP G 71 12.48 -46.47 -30.52
C ASP G 71 11.91 -47.77 -29.98
N LEU G 72 12.02 -48.84 -30.76
CA LEU G 72 11.59 -50.15 -30.29
C LEU G 72 12.43 -50.65 -29.13
N ALA G 73 13.67 -50.18 -28.99
CA ALA G 73 14.48 -50.51 -27.83
C ALA G 73 13.94 -49.83 -26.59
N ALA G 74 13.73 -48.51 -26.67
CA ALA G 74 13.08 -47.78 -25.59
C ALA G 74 11.75 -48.42 -25.23
N LEU G 75 11.05 -48.96 -26.22
CA LEU G 75 9.85 -49.74 -25.96
C LEU G 75 10.19 -50.99 -25.16
N PHE G 76 11.23 -51.72 -25.60
CA PHE G 76 11.67 -52.92 -24.89
C PHE G 76 12.06 -52.63 -23.45
N HIS G 77 12.66 -51.47 -23.23
CA HIS G 77 13.11 -51.06 -21.89
C HIS G 77 11.92 -50.79 -20.98
N SER G 78 11.42 -51.89 -20.43
CA SER G 78 10.25 -51.92 -19.57
C SER G 78 10.66 -51.62 -18.14
N GLU G 79 11.75 -50.87 -18.04
CA GLU G 79 12.30 -50.44 -16.76
C GLU G 79 12.47 -51.59 -15.79
N ASP G 80 11.56 -51.69 -14.83
CA ASP G 80 11.65 -52.73 -13.81
C ASP G 80 10.29 -53.28 -13.40
N VAL G 81 10.05 -53.28 -12.08
CA VAL G 81 8.84 -53.76 -11.42
C VAL G 81 8.22 -55.00 -12.07
N ALA G 82 8.88 -56.13 -11.91
CA ALA G 82 8.35 -57.34 -12.53
C ALA G 82 8.24 -57.19 -14.04
N ARG G 83 8.57 -55.99 -14.53
CA ARG G 83 8.51 -55.71 -15.97
C ARG G 83 7.18 -56.18 -16.54
N ASP G 84 6.11 -55.47 -16.15
CA ASP G 84 4.76 -55.78 -16.59
C ASP G 84 4.70 -55.86 -18.11
N LYS G 85 4.41 -57.04 -18.64
CA LYS G 85 4.53 -57.31 -20.07
C LYS G 85 3.21 -57.15 -20.82
N GLU G 86 2.08 -57.09 -20.11
CA GLU G 86 0.79 -56.84 -20.75
C GLU G 86 0.81 -55.53 -21.51
N ALA G 87 1.00 -54.42 -20.80
CA ALA G 87 1.05 -53.12 -21.45
C ALA G 87 2.28 -52.97 -22.34
N LEU G 88 3.34 -53.73 -22.09
CA LEU G 88 4.50 -53.66 -22.98
C LEU G 88 4.17 -54.22 -24.35
N SER G 89 3.55 -55.41 -24.40
CA SER G 89 3.08 -55.94 -25.67
C SER G 89 2.05 -55.01 -26.30
N ARG G 90 1.22 -54.37 -25.46
CA ARG G 90 0.25 -53.40 -25.98
C ARG G 90 0.95 -52.27 -26.72
N ALA G 91 1.92 -51.64 -26.06
CA ALA G 91 2.68 -50.56 -26.68
C ALA G 91 3.45 -51.05 -27.90
N TYR G 92 3.94 -52.29 -27.84
CA TYR G 92 4.65 -52.86 -28.99
C TYR G 92 3.75 -52.90 -30.21
N PHE G 93 2.57 -53.52 -30.06
CA PHE G 93 1.67 -53.63 -31.20
C PHE G 93 1.21 -52.26 -31.68
N GLU G 94 1.01 -51.31 -30.77
CA GLU G 94 0.60 -49.98 -31.19
C GLU G 94 1.74 -49.28 -31.95
N PHE G 95 2.93 -49.28 -31.38
CA PHE G 95 4.10 -48.64 -32.02
C PHE G 95 4.35 -49.24 -33.39
N ARG G 96 4.08 -50.53 -33.56
CA ARG G 96 4.34 -51.17 -34.85
C ARG G 96 3.20 -50.95 -35.85
N MET G 97 1.97 -50.84 -35.36
CA MET G 97 0.81 -50.75 -36.22
C MET G 97 0.44 -49.32 -36.61
N ARG G 98 0.75 -48.35 -35.75
CA ARG G 98 0.37 -46.97 -36.03
C ARG G 98 1.10 -46.45 -37.25
N ASP G 99 0.41 -45.60 -38.01
CA ASP G 99 0.86 -45.16 -39.32
C ASP G 99 1.14 -46.39 -40.15
N PRO G 100 0.11 -47.13 -40.57
CA PRO G 100 0.35 -48.37 -41.33
C PRO G 100 1.15 -48.15 -42.60
N GLN G 101 1.01 -46.96 -43.20
CA GLN G 101 1.92 -46.56 -44.27
C GLN G 101 3.37 -46.66 -43.82
N ARG G 102 3.65 -46.32 -42.56
CA ARG G 102 5.02 -46.36 -42.05
C ARG G 102 5.57 -47.78 -42.05
N TYR G 103 4.86 -48.71 -41.41
CA TYR G 103 5.39 -50.07 -41.30
C TYR G 103 5.39 -50.77 -42.66
N ARG G 104 4.36 -50.55 -43.47
CA ARG G 104 4.39 -51.11 -44.82
C ARG G 104 5.50 -50.48 -45.65
N LEU G 105 5.83 -49.21 -45.39
CA LEU G 105 6.96 -48.59 -46.08
C LEU G 105 8.26 -49.27 -45.72
N PHE G 106 8.43 -49.58 -44.43
CA PHE G 106 9.66 -50.27 -44.04
C PHE G 106 9.68 -51.69 -44.58
N ASP G 107 8.52 -52.33 -44.69
CA ASP G 107 8.46 -53.63 -45.34
C ASP G 107 8.83 -53.53 -46.81
N ARG G 108 8.34 -52.51 -47.49
CA ARG G 108 8.72 -52.27 -48.88
C ARG G 108 10.21 -51.99 -48.99
N LEU G 109 10.75 -51.24 -48.04
CA LEU G 109 12.15 -50.84 -48.07
C LEU G 109 13.06 -52.03 -47.83
N GLU G 110 12.61 -53.01 -47.04
CA GLU G 110 13.33 -54.27 -46.95
C GLU G 110 13.63 -54.81 -48.33
N GLU G 111 12.60 -55.02 -49.13
CA GLU G 111 12.79 -55.61 -50.45
C GLU G 111 13.50 -54.64 -51.39
N LYS G 112 13.34 -53.33 -51.18
CA LYS G 112 13.89 -52.35 -52.12
C LYS G 112 15.40 -52.17 -51.92
N VAL G 113 15.83 -51.87 -50.69
CA VAL G 113 17.20 -51.46 -50.43
C VAL G 113 17.94 -52.52 -49.61
N VAL G 114 17.23 -53.25 -48.76
CA VAL G 114 17.88 -54.17 -47.83
C VAL G 114 18.09 -55.51 -48.51
N LYS G 115 17.02 -56.09 -49.05
CA LYS G 115 17.16 -57.32 -49.81
C LYS G 115 18.04 -57.10 -51.03
N THR G 116 18.02 -55.90 -51.61
CA THR G 116 18.98 -55.52 -52.62
C THR G 116 20.33 -55.09 -52.02
N SER G 117 20.34 -54.71 -50.75
CA SER G 117 21.56 -54.53 -49.96
C SER G 117 22.46 -53.46 -50.58
N GLN G 118 21.95 -52.22 -50.54
CA GLN G 118 22.69 -51.09 -51.08
C GLN G 118 23.98 -50.85 -50.31
N VAL G 119 23.88 -50.69 -49.00
CA VAL G 119 25.00 -50.28 -48.15
C VAL G 119 25.35 -51.42 -47.20
N PRO G 120 26.36 -52.25 -47.51
CA PRO G 120 26.61 -53.42 -46.65
C PRO G 120 26.99 -53.08 -45.22
N GLU G 121 27.53 -51.88 -44.96
CA GLU G 121 28.09 -51.59 -43.65
C GLU G 121 26.98 -51.38 -42.63
N MET G 122 26.12 -50.39 -42.84
CA MET G 122 25.00 -50.19 -41.93
C MET G 122 24.03 -51.36 -41.97
N VAL G 123 23.98 -52.08 -43.10
CA VAL G 123 23.20 -53.32 -43.15
C VAL G 123 23.71 -54.31 -42.12
N GLU G 124 25.03 -54.51 -42.07
CA GLU G 124 25.61 -55.41 -41.08
C GLU G 124 25.39 -54.89 -39.67
N GLU G 125 25.48 -53.57 -39.50
CA GLU G 125 25.19 -52.98 -38.20
C GLU G 125 23.77 -53.30 -37.76
N LEU G 126 22.82 -53.18 -38.68
CA LEU G 126 21.46 -53.53 -38.35
C LEU G 126 21.31 -55.01 -38.09
N HIS G 127 22.06 -55.84 -38.81
CA HIS G 127 21.99 -57.28 -38.57
C HIS G 127 22.42 -57.62 -37.15
N LYS G 128 23.56 -57.08 -36.72
CA LYS G 128 24.06 -57.40 -35.39
C LYS G 128 23.16 -56.82 -34.30
N ILE G 129 22.74 -55.57 -34.45
CA ILE G 129 21.89 -55.02 -33.42
C ILE G 129 20.50 -55.64 -33.48
N ARG G 130 20.08 -56.12 -34.65
CA ARG G 130 18.86 -56.92 -34.73
C ARG G 130 19.03 -58.22 -33.98
N ALA G 131 20.23 -58.79 -34.02
CA ALA G 131 20.50 -59.95 -33.16
C ALA G 131 20.30 -59.58 -31.71
N SER G 132 20.79 -58.40 -31.33
CA SER G 132 20.60 -57.93 -29.95
C SER G 132 19.12 -57.74 -29.64
N ASN G 133 18.35 -57.21 -30.58
CA ASN G 133 16.94 -56.95 -30.33
C ASN G 133 16.11 -58.22 -30.36
N PHE G 134 16.45 -59.15 -31.25
CA PHE G 134 15.85 -60.47 -31.21
C PHE G 134 16.14 -61.14 -29.89
N GLU G 135 17.36 -60.97 -29.37
CA GLU G 135 17.69 -61.51 -28.06
C GLU G 135 16.85 -60.83 -26.98
N ARG G 136 16.60 -59.53 -27.14
CA ARG G 136 15.82 -58.81 -26.13
C ARG G 136 14.36 -59.25 -26.14
N LEU G 137 13.77 -59.34 -27.33
CA LEU G 137 12.41 -59.84 -27.45
C LEU G 137 12.33 -61.29 -27.00
N THR G 138 13.39 -62.06 -27.28
CA THR G 138 13.48 -63.43 -26.80
C THR G 138 13.52 -63.46 -25.28
N GLN G 139 14.24 -62.53 -24.67
CA GLN G 139 14.30 -62.45 -23.22
C GLN G 139 12.93 -62.13 -22.65
N LEU G 140 12.23 -61.18 -23.26
CA LEU G 140 10.87 -60.87 -22.84
C LEU G 140 9.97 -62.09 -22.96
N ILE G 141 10.09 -62.82 -24.06
CA ILE G 141 9.27 -64.01 -24.26
C ILE G 141 9.64 -65.10 -23.26
N LYS G 142 10.93 -65.20 -22.93
CA LYS G 142 11.38 -66.20 -21.97
C LYS G 142 10.81 -65.92 -20.60
N GLU G 143 10.86 -64.65 -20.16
CA GLU G 143 10.27 -64.30 -18.89
C GLU G 143 8.74 -64.36 -18.93
N ARG G 144 8.13 -64.19 -20.09
CA ARG G 144 6.70 -64.44 -20.24
C ARG G 144 6.38 -65.90 -19.95
N ILE G 145 7.11 -66.81 -20.61
CA ILE G 145 6.90 -68.23 -20.41
C ILE G 145 7.22 -68.62 -18.96
N ALA G 146 8.23 -67.98 -18.38
CA ALA G 146 8.55 -68.23 -16.98
C ALA G 146 7.41 -67.79 -16.07
N ASP G 147 6.77 -66.67 -16.38
CA ASP G 147 5.60 -66.24 -15.63
C ASP G 147 4.44 -67.21 -15.76
N GLY G 148 4.42 -68.03 -16.81
CA GLY G 148 3.34 -68.96 -17.06
C GLY G 148 2.22 -68.41 -17.91
N LYS G 149 2.27 -67.13 -18.28
CA LYS G 149 1.27 -66.58 -19.19
C LYS G 149 1.30 -67.31 -20.52
N LEU G 150 2.43 -67.22 -21.23
CA LEU G 150 2.54 -67.78 -22.57
C LEU G 150 2.46 -69.30 -22.54
N GLU G 151 2.21 -69.86 -23.71
CA GLU G 151 2.33 -71.31 -23.88
C GLU G 151 3.80 -71.69 -23.74
N ASN G 152 4.05 -72.83 -23.09
CA ASN G 152 5.40 -73.27 -22.77
C ASN G 152 6.02 -73.92 -24.00
N VAL G 153 6.72 -73.10 -24.78
CA VAL G 153 7.37 -73.52 -26.02
C VAL G 153 8.63 -72.67 -26.17
N PRO G 154 9.47 -72.88 -27.18
CA PRO G 154 10.63 -72.00 -27.37
C PRO G 154 10.19 -70.54 -27.55
N PRO G 155 11.08 -69.56 -27.33
CA PRO G 155 10.63 -68.17 -27.45
C PRO G 155 10.49 -67.68 -28.88
N TYR G 156 11.28 -68.24 -29.79
CA TYR G 156 11.24 -67.79 -31.17
C TYR G 156 9.87 -68.06 -31.80
N PHE G 157 9.15 -69.06 -31.27
CA PHE G 157 7.74 -69.24 -31.58
C PHE G 157 6.98 -67.92 -31.46
N HIS G 158 7.01 -67.33 -30.27
CA HIS G 158 6.23 -66.13 -30.02
C HIS G 158 6.83 -64.90 -30.69
N TYR G 159 8.15 -64.87 -30.86
CA TYR G 159 8.77 -63.82 -31.68
C TYR G 159 8.15 -63.80 -33.08
N CYS G 160 8.18 -64.96 -33.74
CA CYS G 160 7.61 -65.07 -35.08
C CYS G 160 6.12 -64.77 -35.08
N ALA G 161 5.40 -65.22 -34.04
CA ALA G 161 3.97 -64.97 -33.97
C ALA G 161 3.68 -63.48 -33.86
N ALA G 162 4.47 -62.75 -33.08
CA ALA G 162 4.26 -61.31 -32.94
C ALA G 162 4.58 -60.59 -34.25
N TRP G 163 5.67 -60.97 -34.91
CA TRP G 163 5.97 -60.39 -36.21
C TRP G 163 4.84 -60.67 -37.20
N ALA G 164 4.30 -61.88 -37.17
CA ALA G 164 3.20 -62.26 -38.04
C ALA G 164 1.97 -61.39 -37.80
N LEU G 165 1.59 -61.25 -36.53
CA LEU G 165 0.40 -60.47 -36.21
C LEU G 165 0.58 -59.02 -36.60
N VAL G 166 1.75 -58.46 -36.34
CA VAL G 166 2.01 -57.06 -36.70
C VAL G 166 1.92 -56.87 -38.21
N HIS G 167 2.59 -57.76 -38.97
CA HIS G 167 2.57 -57.63 -40.43
C HIS G 167 1.16 -57.78 -40.97
N GLY G 168 0.40 -58.76 -40.48
CA GLY G 168 -0.95 -58.95 -40.96
C GLY G 168 -1.87 -57.81 -40.59
N ALA G 169 -1.61 -57.16 -39.45
CA ALA G 169 -2.46 -56.05 -39.02
C ALA G 169 -2.16 -54.78 -39.79
N VAL G 170 -0.88 -54.56 -40.15
CA VAL G 170 -0.58 -53.43 -41.03
C VAL G 170 -1.08 -53.71 -42.44
N ALA G 171 -1.10 -54.98 -42.84
CA ALA G 171 -1.71 -55.33 -44.12
C ALA G 171 -3.22 -55.10 -44.06
N LEU G 172 -3.84 -55.35 -42.91
CA LEU G 172 -5.26 -55.08 -42.75
C LEU G 172 -5.56 -53.61 -42.94
N TYR G 173 -4.67 -52.74 -42.49
CA TYR G 173 -4.76 -51.31 -42.75
C TYR G 173 -4.06 -50.92 -44.05
N HIS G 174 -3.87 -51.87 -44.96
CA HIS G 174 -3.35 -51.60 -46.30
C HIS G 174 -4.12 -52.31 -47.40
N SER G 175 -4.95 -53.29 -47.07
CA SER G 175 -5.78 -53.95 -48.07
C SER G 175 -6.81 -52.96 -48.62
N PRO G 176 -7.35 -53.21 -49.82
CA PRO G 176 -8.43 -52.33 -50.31
C PRO G 176 -9.78 -52.60 -49.66
N PHE G 177 -9.92 -53.67 -48.88
CA PHE G 177 -11.23 -54.11 -48.41
C PHE G 177 -11.60 -53.47 -47.07
N TRP G 178 -10.80 -53.72 -46.02
CA TRP G 178 -11.12 -53.29 -44.67
C TRP G 178 -10.12 -52.28 -44.11
N ARG G 179 -9.26 -51.69 -44.95
CA ARG G 179 -8.42 -50.60 -44.48
C ARG G 179 -9.27 -49.44 -43.99
N GLU G 180 -10.17 -48.95 -44.85
CA GLU G 180 -10.97 -47.79 -44.51
C GLU G 180 -11.92 -48.07 -43.35
N VAL G 181 -12.22 -49.34 -43.07
CA VAL G 181 -13.04 -49.68 -41.92
C VAL G 181 -12.25 -49.56 -40.63
N LEU G 182 -10.92 -49.78 -40.68
CA LEU G 182 -10.11 -49.95 -39.48
C LEU G 182 -8.81 -49.14 -39.48
N GLU G 183 -8.50 -48.42 -40.55
CA GLU G 183 -7.24 -47.68 -40.59
C GLU G 183 -7.18 -46.58 -39.54
N ASP G 184 -8.34 -46.06 -39.11
CA ASP G 184 -8.41 -45.05 -38.06
C ASP G 184 -9.44 -45.39 -36.99
N GLN G 185 -9.99 -46.60 -36.99
CA GLN G 185 -10.90 -47.03 -35.93
C GLN G 185 -10.07 -47.40 -34.71
N GLU G 186 -10.03 -46.51 -33.72
CA GLU G 186 -9.27 -46.78 -32.52
C GLU G 186 -9.86 -47.96 -31.74
N GLY G 187 -11.17 -48.18 -31.88
CA GLY G 187 -11.79 -49.32 -31.21
C GLY G 187 -11.19 -50.64 -31.66
N PHE G 188 -11.19 -50.90 -32.97
CA PHE G 188 -10.62 -52.16 -33.44
C PHE G 188 -9.10 -52.16 -33.37
N PHE G 189 -8.47 -50.98 -33.40
CA PHE G 189 -7.03 -50.92 -33.14
C PHE G 189 -6.72 -51.46 -31.75
N HIS G 190 -7.45 -51.01 -30.74
CA HIS G 190 -7.27 -51.54 -29.40
C HIS G 190 -7.72 -52.99 -29.30
N PHE G 191 -8.70 -53.40 -30.12
CA PHE G 191 -9.10 -54.80 -30.18
C PHE G 191 -7.94 -55.68 -30.64
N LEU G 192 -7.28 -55.28 -31.71
CA LEU G 192 -6.08 -55.98 -32.18
C LEU G 192 -5.00 -55.98 -31.11
N MET G 193 -4.83 -54.86 -30.40
CA MET G 193 -3.83 -54.81 -29.34
C MET G 193 -4.18 -55.77 -28.22
N ASP G 194 -5.47 -55.92 -27.90
CA ASP G 194 -5.86 -56.89 -26.88
C ASP G 194 -5.61 -58.31 -27.35
N ILE G 195 -5.92 -58.61 -28.61
CA ILE G 195 -5.71 -59.97 -29.11
C ILE G 195 -4.22 -60.29 -29.15
N GLY G 196 -3.38 -59.29 -29.45
CA GLY G 196 -1.94 -59.49 -29.44
C GLY G 196 -1.31 -59.44 -28.07
N VAL G 197 -2.03 -58.91 -27.08
CA VAL G 197 -1.55 -58.89 -25.70
C VAL G 197 -2.12 -60.06 -24.91
N ARG G 198 -3.28 -60.58 -25.30
CA ARG G 198 -3.94 -61.71 -24.64
C ARG G 198 -3.65 -63.01 -25.38
N MET G 199 -2.43 -63.14 -25.89
CA MET G 199 -2.00 -64.31 -26.66
C MET G 199 -1.12 -65.20 -25.79
N GLY G 200 -1.15 -66.50 -26.10
CA GLY G 200 -0.39 -67.48 -25.34
C GLY G 200 -0.96 -67.82 -23.99
N ASN G 201 -2.08 -67.20 -23.58
CA ASN G 201 -2.52 -67.27 -22.19
C ASN G 201 -2.87 -68.70 -21.79
N LYS G 202 -2.74 -68.97 -20.49
CA LYS G 202 -3.10 -70.25 -19.94
C LYS G 202 -4.61 -70.42 -19.90
N ARG G 203 -5.06 -71.66 -20.10
CA ARG G 203 -6.49 -72.00 -20.05
C ARG G 203 -6.61 -73.31 -19.26
N LYS G 204 -6.82 -73.17 -17.96
CA LYS G 204 -6.95 -74.33 -17.07
C LYS G 204 -8.32 -74.97 -17.20
N LYS H 7 -19.42 -90.47 -70.27
CA LYS H 7 -19.39 -89.26 -71.09
C LYS H 7 -19.27 -88.02 -70.21
N VAL H 8 -20.28 -87.79 -69.36
CA VAL H 8 -20.23 -86.65 -68.46
C VAL H 8 -19.04 -86.79 -67.50
N ARG H 9 -18.79 -87.99 -67.00
CA ARG H 9 -17.70 -88.18 -66.06
C ARG H 9 -16.34 -88.08 -66.75
N GLU H 10 -16.26 -88.51 -68.01
CA GLU H 10 -15.02 -88.37 -68.75
C GLU H 10 -14.63 -86.91 -68.90
N PHE H 11 -15.59 -86.07 -69.31
CA PHE H 11 -15.33 -84.65 -69.43
C PHE H 11 -15.05 -84.02 -68.08
N ARG H 12 -15.76 -84.47 -67.04
CA ARG H 12 -15.51 -83.97 -65.69
C ARG H 12 -14.07 -84.21 -65.27
N ARG H 13 -13.58 -85.44 -65.45
CA ARG H 13 -12.22 -85.76 -65.05
C ARG H 13 -11.20 -85.07 -65.96
N ARG H 14 -11.54 -84.83 -67.22
CA ARG H 14 -10.65 -84.06 -68.07
C ARG H 14 -10.51 -82.63 -67.55
N GLU H 15 -11.63 -82.00 -67.20
CA GLU H 15 -11.59 -80.66 -66.62
C GLU H 15 -10.79 -80.64 -65.33
N GLN H 16 -11.03 -81.63 -64.45
CA GLN H 16 -10.32 -81.66 -63.17
C GLN H 16 -8.82 -81.88 -63.38
N GLU H 17 -8.46 -82.68 -64.37
CA GLU H 17 -7.04 -82.91 -64.67
C GLU H 17 -6.39 -81.63 -65.17
N ILE H 18 -7.05 -80.93 -66.11
CA ILE H 18 -6.53 -79.65 -66.58
C ILE H 18 -6.36 -78.69 -65.41
N LEU H 19 -7.36 -78.65 -64.51
CA LEU H 19 -7.33 -77.68 -63.42
C LEU H 19 -6.21 -77.97 -62.44
N ASP H 20 -6.05 -79.24 -62.02
CA ASP H 20 -4.99 -79.54 -61.06
C ASP H 20 -3.61 -79.44 -61.69
N THR H 21 -3.49 -79.81 -62.97
CA THR H 21 -2.25 -79.62 -63.70
C THR H 21 -1.83 -78.14 -63.68
N ALA H 22 -2.73 -77.26 -64.11
CA ALA H 22 -2.41 -75.84 -64.11
C ALA H 22 -2.22 -75.31 -62.70
N LEU H 23 -2.90 -75.90 -61.71
CA LEU H 23 -2.70 -75.49 -60.32
C LEU H 23 -1.24 -75.73 -59.91
N LYS H 24 -0.73 -76.92 -60.17
CA LYS H 24 0.65 -77.22 -59.80
C LYS H 24 1.61 -76.36 -60.60
N LEU H 25 1.30 -76.13 -61.88
CA LEU H 25 2.15 -75.27 -62.70
C LEU H 25 2.25 -73.86 -62.11
N PHE H 26 1.12 -73.20 -61.91
CA PHE H 26 1.13 -71.84 -61.38
C PHE H 26 1.68 -71.78 -59.96
N LEU H 27 1.51 -72.85 -59.17
CA LEU H 27 2.18 -72.90 -57.88
C LEU H 27 3.69 -72.92 -58.04
N GLU H 28 4.18 -73.61 -59.07
CA GLU H 28 5.62 -73.71 -59.27
C GLU H 28 6.19 -72.46 -59.94
N GLN H 29 5.69 -72.12 -61.13
CA GLN H 29 6.35 -71.15 -61.99
C GLN H 29 5.93 -69.70 -61.70
N GLY H 30 4.65 -69.40 -61.86
CA GLY H 30 4.18 -68.02 -61.76
C GLY H 30 2.82 -67.87 -62.42
N GLU H 31 2.50 -66.62 -62.80
CA GLU H 31 1.19 -66.31 -63.38
C GLU H 31 1.27 -65.57 -64.71
N ASP H 32 2.22 -64.66 -64.88
CA ASP H 32 2.26 -63.79 -66.07
C ASP H 32 3.03 -64.46 -67.20
N SER H 33 4.30 -64.81 -66.96
CA SER H 33 5.07 -65.55 -67.96
C SER H 33 4.53 -66.95 -68.18
N VAL H 34 3.69 -67.46 -67.27
CA VAL H 34 3.11 -68.80 -67.41
C VAL H 34 1.83 -68.60 -68.22
N THR H 35 1.99 -68.55 -69.53
CA THR H 35 0.85 -68.50 -70.44
C THR H 35 0.32 -69.93 -70.61
N VAL H 36 -0.54 -70.13 -71.62
CA VAL H 36 -1.11 -71.45 -71.86
C VAL H 36 -0.07 -72.48 -72.30
N GLU H 37 1.13 -72.01 -72.70
CA GLU H 37 2.25 -72.88 -73.03
C GLU H 37 2.46 -73.97 -71.98
N MET H 38 2.75 -73.57 -70.75
CA MET H 38 3.00 -74.56 -69.71
C MET H 38 1.76 -75.39 -69.42
N ILE H 39 0.58 -74.75 -69.49
CA ILE H 39 -0.68 -75.44 -69.21
C ILE H 39 -0.84 -76.66 -70.09
N ALA H 40 -0.89 -76.46 -71.40
CA ALA H 40 -1.12 -77.59 -72.29
C ALA H 40 0.12 -78.44 -72.50
N ASP H 41 1.32 -77.92 -72.21
CA ASP H 41 2.50 -78.77 -72.21
C ASP H 41 2.40 -79.82 -71.11
N ALA H 42 1.85 -79.43 -69.96
CA ALA H 42 1.72 -80.37 -68.85
C ALA H 42 0.50 -81.27 -69.02
N VAL H 43 -0.64 -80.71 -69.47
CA VAL H 43 -1.84 -81.51 -69.61
C VAL H 43 -1.67 -82.56 -70.71
N GLY H 44 -1.51 -82.10 -71.95
CA GLY H 44 -1.13 -82.97 -73.05
C GLY H 44 -2.20 -83.92 -73.56
N ILE H 45 -3.43 -83.83 -73.07
CA ILE H 45 -4.48 -84.70 -73.61
C ILE H 45 -4.83 -84.32 -75.05
N GLY H 46 -4.58 -83.08 -75.45
CA GLY H 46 -4.85 -82.61 -76.79
C GLY H 46 -5.11 -81.12 -76.73
N LYS H 47 -4.52 -80.38 -77.68
CA LYS H 47 -4.49 -78.93 -77.59
C LYS H 47 -5.90 -78.35 -77.77
N GLY H 48 -6.51 -78.60 -78.93
CA GLY H 48 -7.93 -78.29 -79.07
C GLY H 48 -8.78 -79.06 -78.07
N THR H 49 -8.37 -80.29 -77.74
CA THR H 49 -9.08 -81.06 -76.73
C THR H 49 -8.96 -80.46 -75.35
N ILE H 50 -7.88 -79.71 -75.10
CA ILE H 50 -7.79 -78.92 -73.87
C ILE H 50 -8.72 -77.73 -73.97
N TYR H 51 -8.76 -77.09 -75.14
CA TYR H 51 -9.67 -75.98 -75.36
C TYR H 51 -11.09 -76.42 -75.64
N LYS H 52 -11.35 -77.73 -75.76
CA LYS H 52 -12.72 -78.22 -75.64
C LYS H 52 -13.29 -77.97 -74.25
N HIS H 53 -12.44 -77.74 -73.25
CA HIS H 53 -12.81 -77.68 -71.85
C HIS H 53 -12.69 -76.28 -71.24
N PHE H 54 -11.69 -75.50 -71.64
CA PHE H 54 -11.39 -74.22 -71.01
C PHE H 54 -11.08 -73.18 -72.07
N LYS H 55 -11.07 -71.91 -71.64
CA LYS H 55 -10.80 -70.78 -72.52
C LYS H 55 -9.32 -70.42 -72.55
N SER H 56 -8.68 -70.29 -71.39
CA SER H 56 -7.25 -70.02 -71.33
C SER H 56 -6.82 -70.07 -69.87
N LYS H 57 -5.57 -69.70 -69.65
CA LYS H 57 -4.97 -69.40 -68.35
C LYS H 57 -5.95 -68.70 -67.39
N ALA H 58 -6.66 -67.68 -67.89
CA ALA H 58 -7.50 -66.88 -67.03
C ALA H 58 -8.71 -67.67 -66.52
N GLU H 59 -9.39 -68.38 -67.42
CA GLU H 59 -10.49 -69.23 -66.97
C GLU H 59 -10.01 -70.26 -65.96
N ILE H 60 -8.79 -70.75 -66.14
CA ILE H 60 -8.28 -71.78 -65.24
C ILE H 60 -8.03 -71.19 -63.85
N TYR H 61 -7.40 -70.01 -63.81
CA TYR H 61 -7.28 -69.24 -62.56
C TYR H 61 -8.62 -69.15 -61.85
N LEU H 62 -9.61 -68.60 -62.55
CA LEU H 62 -10.87 -68.27 -61.89
C LEU H 62 -11.67 -69.52 -61.56
N ARG H 63 -11.50 -70.60 -62.32
CA ARG H 63 -12.18 -71.85 -61.96
C ARG H 63 -11.52 -72.52 -60.78
N LEU H 64 -10.20 -72.38 -60.64
CA LEU H 64 -9.55 -72.83 -59.41
C LEU H 64 -10.13 -72.11 -58.21
N MET H 65 -10.24 -70.79 -58.30
CA MET H 65 -10.85 -70.03 -57.21
C MET H 65 -12.30 -70.46 -56.99
N LEU H 66 -13.02 -70.78 -58.08
CA LEU H 66 -14.40 -71.25 -57.96
C LEU H 66 -14.46 -72.52 -57.15
N ASP H 67 -13.65 -73.52 -57.52
CA ASP H 67 -13.70 -74.81 -56.83
C ASP H 67 -13.27 -74.66 -55.38
N TYR H 68 -12.29 -73.78 -55.12
CA TYR H 68 -11.91 -73.49 -53.74
C TYR H 68 -13.10 -72.98 -52.94
N GLU H 69 -13.77 -71.95 -53.45
CA GLU H 69 -14.94 -71.42 -52.75
C GLU H 69 -16.09 -72.42 -52.72
N ARG H 70 -16.13 -73.38 -53.65
CA ARG H 70 -17.15 -74.41 -53.61
C ARG H 70 -16.93 -75.34 -52.43
N ASP H 71 -15.69 -75.80 -52.23
CA ASP H 71 -15.37 -76.56 -51.03
C ASP H 71 -15.63 -75.73 -49.78
N LEU H 72 -15.38 -74.43 -49.85
CA LEU H 72 -15.66 -73.57 -48.70
C LEU H 72 -17.15 -73.55 -48.37
N ALA H 73 -18.00 -73.34 -49.38
CA ALA H 73 -19.43 -73.34 -49.16
C ALA H 73 -19.91 -74.70 -48.66
N ALA H 74 -19.28 -75.78 -49.14
CA ALA H 74 -19.56 -77.10 -48.58
C ALA H 74 -19.19 -77.16 -47.11
N LEU H 75 -18.15 -76.42 -46.72
CA LEU H 75 -17.73 -76.41 -45.32
C LEU H 75 -18.77 -75.75 -44.43
N PHE H 76 -19.22 -74.56 -44.80
CA PHE H 76 -20.15 -73.80 -43.97
C PHE H 76 -21.47 -74.55 -43.82
N HIS H 77 -21.82 -74.86 -42.58
CA HIS H 77 -23.04 -75.62 -42.31
C HIS H 77 -23.27 -75.63 -40.81
N SER H 78 -24.52 -75.81 -40.42
CA SER H 78 -24.99 -75.67 -39.04
C SER H 78 -25.94 -76.79 -38.66
N GLU H 79 -25.52 -78.06 -38.86
CA GLU H 79 -26.45 -79.17 -38.81
C GLU H 79 -26.72 -79.65 -37.38
N ASP H 80 -25.71 -79.63 -36.51
CA ASP H 80 -25.82 -80.34 -35.25
C ASP H 80 -26.91 -79.71 -34.37
N VAL H 81 -27.57 -80.58 -33.61
CA VAL H 81 -28.53 -80.12 -32.62
C VAL H 81 -27.80 -79.40 -31.49
N ALA H 82 -26.91 -80.12 -30.81
CA ALA H 82 -25.95 -79.52 -29.88
C ALA H 82 -24.75 -78.98 -30.66
N ARG H 83 -25.03 -77.98 -31.49
CA ARG H 83 -24.06 -77.46 -32.45
C ARG H 83 -23.04 -76.59 -31.70
N ASP H 84 -22.13 -77.26 -31.00
CA ASP H 84 -20.95 -76.59 -30.45
C ASP H 84 -20.05 -76.21 -31.62
N LYS H 85 -19.98 -74.92 -31.92
CA LYS H 85 -19.39 -74.44 -33.17
C LYS H 85 -17.87 -74.41 -33.15
N GLU H 86 -17.23 -74.95 -32.11
CA GLU H 86 -15.76 -74.99 -32.07
C GLU H 86 -15.22 -75.82 -33.23
N ALA H 87 -15.92 -76.89 -33.61
CA ALA H 87 -15.47 -77.73 -34.71
C ALA H 87 -15.45 -76.96 -36.02
N LEU H 88 -16.57 -76.31 -36.37
CA LEU H 88 -16.61 -75.54 -37.61
C LEU H 88 -15.63 -74.39 -37.58
N SER H 89 -15.46 -73.75 -36.41
CA SER H 89 -14.48 -72.67 -36.29
C SER H 89 -13.08 -73.15 -36.59
N ARG H 90 -12.65 -74.23 -35.93
CA ARG H 90 -11.31 -74.75 -36.15
C ARG H 90 -11.12 -75.25 -37.58
N ALA H 91 -12.17 -75.85 -38.16
CA ALA H 91 -12.08 -76.30 -39.55
C ALA H 91 -11.90 -75.11 -40.49
N TYR H 92 -12.61 -74.01 -40.23
CA TYR H 92 -12.43 -72.81 -41.03
C TYR H 92 -11.01 -72.26 -40.89
N PHE H 93 -10.50 -72.24 -39.66
CA PHE H 93 -9.14 -71.75 -39.44
C PHE H 93 -8.11 -72.61 -40.18
N GLU H 94 -8.26 -73.93 -40.11
CA GLU H 94 -7.40 -74.82 -40.88
C GLU H 94 -7.49 -74.52 -42.38
N PHE H 95 -8.71 -74.51 -42.91
CA PHE H 95 -8.90 -74.34 -44.35
C PHE H 95 -8.35 -73.00 -44.82
N ARG H 96 -8.41 -71.97 -43.97
CA ARG H 96 -7.84 -70.69 -44.31
C ARG H 96 -6.32 -70.74 -44.31
N MET H 97 -5.73 -71.31 -43.25
CA MET H 97 -4.29 -71.31 -43.09
C MET H 97 -3.59 -72.46 -43.80
N ARG H 98 -4.29 -73.56 -44.08
CA ARG H 98 -3.66 -74.70 -44.72
C ARG H 98 -3.28 -74.36 -46.15
N ASP H 99 -2.15 -74.90 -46.59
CA ASP H 99 -1.63 -74.64 -47.93
C ASP H 99 -1.42 -73.14 -48.13
N PRO H 100 -0.42 -72.54 -47.47
CA PRO H 100 -0.14 -71.12 -47.74
C PRO H 100 0.28 -70.85 -49.16
N GLN H 101 0.77 -71.87 -49.87
CA GLN H 101 1.08 -71.69 -51.29
C GLN H 101 -0.18 -71.42 -52.10
N ARG H 102 -1.30 -72.08 -51.74
CA ARG H 102 -2.58 -71.75 -52.35
C ARG H 102 -2.94 -70.30 -52.10
N TYR H 103 -2.68 -69.81 -50.89
CA TYR H 103 -3.00 -68.44 -50.55
C TYR H 103 -2.19 -67.47 -51.39
N ARG H 104 -0.87 -67.68 -51.47
CA ARG H 104 -0.03 -66.84 -52.32
C ARG H 104 -0.46 -66.93 -53.78
N LEU H 105 -0.81 -68.13 -54.23
CA LEU H 105 -1.28 -68.33 -55.60
C LEU H 105 -2.47 -67.43 -55.89
N PHE H 106 -3.57 -67.64 -55.16
CA PHE H 106 -4.77 -66.86 -55.42
C PHE H 106 -4.55 -65.37 -55.17
N ASP H 107 -3.64 -65.01 -54.28
CA ASP H 107 -3.30 -63.60 -54.11
C ASP H 107 -2.69 -63.03 -55.40
N ARG H 108 -1.86 -63.81 -56.07
CA ARG H 108 -1.33 -63.37 -57.36
C ARG H 108 -2.43 -63.34 -58.42
N LEU H 109 -3.21 -64.43 -58.51
CA LEU H 109 -4.24 -64.56 -59.54
C LEU H 109 -5.27 -63.44 -59.43
N GLU H 110 -5.54 -62.97 -58.21
CA GLU H 110 -6.54 -61.92 -58.03
C GLU H 110 -6.17 -60.67 -58.82
N GLU H 111 -5.02 -60.07 -58.50
CA GLU H 111 -4.60 -58.89 -59.23
C GLU H 111 -4.17 -59.19 -60.67
N LYS H 112 -3.92 -60.47 -61.00
CA LYS H 112 -3.56 -60.77 -62.39
C LYS H 112 -4.78 -60.75 -63.31
N VAL H 113 -5.85 -61.47 -62.94
CA VAL H 113 -6.99 -61.68 -63.83
C VAL H 113 -8.32 -61.27 -63.23
N VAL H 114 -8.45 -61.36 -61.91
CA VAL H 114 -9.76 -61.12 -61.28
C VAL H 114 -10.08 -59.64 -61.28
N LYS H 115 -9.26 -58.84 -60.62
CA LYS H 115 -9.50 -57.41 -60.58
C LYS H 115 -9.29 -56.75 -61.94
N THR H 116 -8.52 -57.38 -62.83
CA THR H 116 -8.54 -56.96 -64.23
C THR H 116 -9.80 -57.46 -64.91
N SER H 117 -10.27 -58.65 -64.52
CA SER H 117 -11.54 -59.21 -64.99
C SER H 117 -11.54 -59.38 -66.51
N GLN H 118 -10.62 -60.25 -66.98
CA GLN H 118 -10.73 -60.75 -68.34
C GLN H 118 -11.90 -61.71 -68.48
N VAL H 119 -12.40 -62.27 -67.39
CA VAL H 119 -13.56 -63.15 -67.37
C VAL H 119 -14.40 -62.72 -66.17
N PRO H 120 -15.16 -61.62 -66.27
CA PRO H 120 -15.70 -60.99 -65.04
C PRO H 120 -16.83 -61.75 -64.35
N GLU H 121 -17.53 -62.66 -65.04
CA GLU H 121 -18.65 -63.35 -64.38
C GLU H 121 -18.14 -64.19 -63.21
N MET H 122 -17.01 -64.87 -63.40
CA MET H 122 -16.42 -65.61 -62.29
C MET H 122 -15.92 -64.67 -61.21
N VAL H 123 -15.52 -63.45 -61.58
CA VAL H 123 -15.06 -62.48 -60.58
C VAL H 123 -16.21 -62.04 -59.69
N GLU H 124 -17.35 -61.70 -60.28
CA GLU H 124 -18.49 -61.31 -59.46
C GLU H 124 -19.03 -62.50 -58.68
N GLU H 125 -18.90 -63.72 -59.21
CA GLU H 125 -19.27 -64.89 -58.42
C GLU H 125 -18.32 -65.08 -57.23
N LEU H 126 -17.04 -64.74 -57.42
CA LEU H 126 -16.10 -64.78 -56.30
C LEU H 126 -16.52 -63.79 -55.24
N HIS H 127 -16.85 -62.57 -55.63
CA HIS H 127 -17.33 -61.58 -54.67
C HIS H 127 -18.63 -62.03 -54.01
N LYS H 128 -19.51 -62.66 -54.78
CA LYS H 128 -20.75 -63.20 -54.25
C LYS H 128 -20.48 -64.20 -53.14
N ILE H 129 -19.64 -65.19 -53.42
CA ILE H 129 -19.41 -66.22 -52.42
C ILE H 129 -18.55 -65.71 -51.28
N ARG H 130 -17.71 -64.69 -51.52
CA ARG H 130 -17.07 -63.98 -50.42
C ARG H 130 -18.13 -63.44 -49.46
N ALA H 131 -19.12 -62.73 -50.02
CA ALA H 131 -20.19 -62.18 -49.18
C ALA H 131 -20.99 -63.29 -48.50
N SER H 132 -21.18 -64.43 -49.16
CA SER H 132 -21.97 -65.50 -48.55
C SER H 132 -21.20 -66.16 -47.41
N ASN H 133 -19.90 -66.38 -47.60
CA ASN H 133 -19.08 -66.89 -46.50
C ASN H 133 -19.07 -65.90 -45.34
N PHE H 134 -19.00 -64.60 -45.65
CA PHE H 134 -19.14 -63.58 -44.62
C PHE H 134 -20.49 -63.72 -43.91
N GLU H 135 -21.54 -64.01 -44.66
CA GLU H 135 -22.88 -64.13 -44.09
C GLU H 135 -22.94 -65.31 -43.12
N ARG H 136 -22.46 -66.47 -43.55
CA ARG H 136 -22.46 -67.62 -42.66
C ARG H 136 -21.53 -67.40 -41.47
N LEU H 137 -20.44 -66.66 -41.66
CA LEU H 137 -19.54 -66.36 -40.56
C LEU H 137 -20.24 -65.50 -39.51
N THR H 138 -20.92 -64.46 -39.94
CA THR H 138 -21.64 -63.61 -38.99
C THR H 138 -22.80 -64.37 -38.35
N GLN H 139 -23.47 -65.22 -39.13
CA GLN H 139 -24.51 -66.09 -38.57
C GLN H 139 -23.93 -66.98 -37.48
N LEU H 140 -22.71 -67.49 -37.70
CA LEU H 140 -22.05 -68.32 -36.70
C LEU H 140 -21.66 -67.51 -35.48
N ILE H 141 -21.21 -66.26 -35.68
CA ILE H 141 -20.82 -65.41 -34.57
C ILE H 141 -22.03 -65.11 -33.68
N LYS H 142 -23.18 -64.81 -34.30
CA LYS H 142 -24.38 -64.55 -33.51
C LYS H 142 -24.93 -65.83 -32.91
N GLU H 143 -24.77 -66.97 -33.58
CA GLU H 143 -25.12 -68.25 -32.96
C GLU H 143 -24.31 -68.47 -31.68
N ARG H 144 -23.02 -68.14 -31.72
CA ARG H 144 -22.20 -68.23 -30.53
C ARG H 144 -22.70 -67.27 -29.46
N ILE H 145 -22.91 -66.00 -29.83
CA ILE H 145 -23.38 -65.01 -28.86
C ILE H 145 -24.79 -65.32 -28.34
N ALA H 146 -25.50 -66.26 -28.97
CA ALA H 146 -26.89 -66.55 -28.60
C ALA H 146 -27.01 -66.91 -27.12
N ASP H 147 -26.38 -68.00 -26.69
CA ASP H 147 -26.42 -68.36 -25.27
C ASP H 147 -25.46 -67.52 -24.44
N GLY H 148 -24.68 -66.64 -25.06
CA GLY H 148 -23.72 -65.82 -24.34
C GLY H 148 -22.32 -66.38 -24.43
N LYS H 149 -22.01 -67.03 -25.56
CA LYS H 149 -20.75 -67.73 -25.73
C LYS H 149 -19.65 -66.83 -26.35
N LEU H 150 -19.82 -65.52 -26.30
CA LEU H 150 -18.76 -64.56 -26.63
C LEU H 150 -19.02 -63.27 -25.88
N GLU H 151 -17.97 -62.44 -25.82
CA GLU H 151 -18.15 -61.08 -25.36
C GLU H 151 -18.89 -60.27 -26.43
N ASN H 152 -19.41 -59.11 -26.01
CA ASN H 152 -20.23 -58.27 -26.87
C ASN H 152 -19.34 -57.34 -27.68
N VAL H 153 -19.01 -57.77 -28.90
CA VAL H 153 -18.31 -56.92 -29.86
C VAL H 153 -18.91 -57.20 -31.23
N PRO H 154 -18.63 -56.40 -32.26
CA PRO H 154 -19.19 -56.66 -33.59
C PRO H 154 -18.69 -58.00 -34.14
N PRO H 155 -19.36 -58.55 -35.18
CA PRO H 155 -18.82 -59.76 -35.82
C PRO H 155 -17.68 -59.45 -36.78
N TYR H 156 -17.76 -58.30 -37.46
CA TYR H 156 -16.68 -57.92 -38.36
C TYR H 156 -15.37 -57.68 -37.62
N PHE H 157 -15.44 -57.35 -36.33
CA PHE H 157 -14.25 -57.38 -35.48
C PHE H 157 -13.56 -58.73 -35.56
N HIS H 158 -14.30 -59.81 -35.29
CA HIS H 158 -13.73 -61.14 -35.36
C HIS H 158 -13.29 -61.49 -36.78
N TYR H 159 -14.06 -61.04 -37.79
CA TYR H 159 -13.65 -61.25 -39.18
C TYR H 159 -12.26 -60.71 -39.44
N CYS H 160 -12.06 -59.41 -39.18
CA CYS H 160 -10.78 -58.79 -39.47
C CYS H 160 -9.68 -59.30 -38.54
N ALA H 161 -10.04 -59.77 -37.34
CA ALA H 161 -9.06 -60.39 -36.47
C ALA H 161 -8.52 -61.67 -37.11
N ALA H 162 -9.42 -62.57 -37.55
CA ALA H 162 -8.97 -63.76 -38.24
C ALA H 162 -8.26 -63.42 -39.55
N TRP H 163 -8.66 -62.32 -40.20
CA TRP H 163 -7.99 -61.84 -41.39
C TRP H 163 -6.51 -61.58 -41.11
N ALA H 164 -6.24 -60.73 -40.11
CA ALA H 164 -4.86 -60.44 -39.73
C ALA H 164 -4.12 -61.70 -39.29
N LEU H 165 -4.82 -62.60 -38.59
CA LEU H 165 -4.20 -63.84 -38.13
C LEU H 165 -3.68 -64.67 -39.31
N VAL H 166 -4.56 -64.94 -40.28
CA VAL H 166 -4.17 -65.81 -41.39
C VAL H 166 -3.14 -65.11 -42.28
N HIS H 167 -3.26 -63.79 -42.44
CA HIS H 167 -2.25 -63.06 -43.19
C HIS H 167 -0.88 -63.20 -42.52
N GLY H 168 -0.85 -63.02 -41.21
CA GLY H 168 0.40 -63.19 -40.48
C GLY H 168 0.96 -64.60 -40.64
N ALA H 169 0.09 -65.61 -40.55
CA ALA H 169 0.55 -66.99 -40.69
C ALA H 169 1.21 -67.21 -42.05
N VAL H 170 0.49 -66.88 -43.13
CA VAL H 170 1.00 -67.17 -44.47
C VAL H 170 2.25 -66.34 -44.76
N ALA H 171 2.25 -65.05 -44.37
CA ALA H 171 3.41 -64.22 -44.64
C ALA H 171 4.60 -64.63 -43.79
N LEU H 172 4.37 -65.20 -42.61
CA LEU H 172 5.47 -65.66 -41.77
C LEU H 172 6.09 -66.93 -42.34
N TYR H 173 5.26 -67.87 -42.80
CA TYR H 173 5.81 -69.03 -43.46
C TYR H 173 6.29 -68.74 -44.89
N HIS H 174 6.19 -67.48 -45.34
CA HIS H 174 6.84 -67.01 -46.56
C HIS H 174 7.90 -65.95 -46.27
N SER H 175 8.44 -65.93 -45.05
CA SER H 175 9.45 -64.96 -44.68
C SER H 175 10.77 -65.26 -45.38
N PRO H 176 11.66 -64.26 -45.51
CA PRO H 176 12.94 -64.54 -46.20
C PRO H 176 13.80 -65.57 -45.49
N PHE H 177 13.89 -65.51 -44.17
CA PHE H 177 14.70 -66.43 -43.38
C PHE H 177 13.87 -67.29 -42.44
N TRP H 178 13.00 -66.67 -41.62
CA TRP H 178 12.37 -67.39 -40.52
C TRP H 178 11.46 -68.52 -41.01
N ARG H 179 11.05 -68.51 -42.28
CA ARG H 179 10.39 -69.70 -42.82
C ARG H 179 11.35 -70.88 -42.82
N GLU H 180 12.65 -70.64 -42.95
CA GLU H 180 13.62 -71.72 -42.83
C GLU H 180 13.58 -72.36 -41.46
N VAL H 181 13.24 -71.58 -40.42
CA VAL H 181 13.15 -72.11 -39.07
C VAL H 181 11.81 -72.78 -38.84
N LEU H 182 10.74 -72.20 -39.38
CA LEU H 182 9.37 -72.67 -39.11
C LEU H 182 8.90 -73.74 -40.07
N GLU H 183 9.69 -74.07 -41.10
CA GLU H 183 9.29 -75.11 -42.06
C GLU H 183 9.00 -76.44 -41.39
N ASP H 184 9.66 -76.72 -40.26
CA ASP H 184 9.52 -77.99 -39.56
C ASP H 184 8.85 -77.81 -38.20
N GLN H 185 8.09 -76.74 -38.02
CA GLN H 185 7.46 -76.39 -36.74
C GLN H 185 5.95 -76.52 -36.87
N GLU H 186 5.44 -77.71 -36.55
CA GLU H 186 3.99 -77.92 -36.42
C GLU H 186 3.50 -77.69 -35.00
N GLY H 187 4.39 -77.75 -34.01
CA GLY H 187 4.02 -77.29 -32.69
C GLY H 187 3.69 -75.81 -32.69
N PHE H 188 4.38 -75.03 -33.52
CA PHE H 188 4.01 -73.64 -33.70
C PHE H 188 2.63 -73.52 -34.34
N PHE H 189 2.29 -74.44 -35.25
CA PHE H 189 0.95 -74.44 -35.81
C PHE H 189 -0.09 -74.74 -34.73
N HIS H 190 0.20 -75.71 -33.86
CA HIS H 190 -0.72 -76.01 -32.76
C HIS H 190 -0.88 -74.79 -31.84
N PHE H 191 0.22 -74.09 -31.57
CA PHE H 191 0.16 -72.85 -30.81
C PHE H 191 -0.76 -71.83 -31.48
N LEU H 192 -0.55 -71.62 -32.79
CA LEU H 192 -1.40 -70.72 -33.55
C LEU H 192 -2.86 -71.10 -33.44
N MET H 193 -3.16 -72.40 -33.55
CA MET H 193 -4.56 -72.85 -33.51
C MET H 193 -5.16 -72.60 -32.14
N ASP H 194 -4.43 -72.94 -31.08
CA ASP H 194 -4.93 -72.74 -29.72
C ASP H 194 -5.23 -71.27 -29.46
N ILE H 195 -4.29 -70.38 -29.79
CA ILE H 195 -4.51 -68.96 -29.50
C ILE H 195 -5.42 -68.28 -30.51
N GLY H 196 -5.68 -68.91 -31.66
CA GLY H 196 -6.66 -68.39 -32.60
C GLY H 196 -8.06 -68.78 -32.20
N VAL H 197 -8.18 -69.92 -31.51
CA VAL H 197 -9.46 -70.27 -30.90
C VAL H 197 -9.74 -69.39 -29.68
N ARG H 198 -8.71 -68.78 -29.08
CA ARG H 198 -8.82 -68.07 -27.81
C ARG H 198 -8.70 -66.56 -27.98
N MET H 199 -9.23 -65.98 -29.06
CA MET H 199 -9.19 -64.53 -29.27
C MET H 199 -10.38 -63.88 -28.57
N GLY H 200 -10.10 -62.96 -27.66
CA GLY H 200 -11.12 -62.10 -27.08
C GLY H 200 -12.26 -62.82 -26.40
N ASN H 201 -11.99 -63.47 -25.27
CA ASN H 201 -12.99 -64.18 -24.50
C ASN H 201 -13.17 -63.52 -23.14
N LYS H 202 -14.35 -63.75 -22.55
CA LYS H 202 -14.72 -63.19 -21.26
C LYS H 202 -14.80 -64.31 -20.21
N ARG H 203 -14.74 -63.90 -18.94
CA ARG H 203 -14.82 -64.85 -17.84
C ARG H 203 -16.22 -65.47 -17.78
N LYS H 204 -16.28 -66.75 -17.46
CA LYS H 204 -17.55 -67.46 -17.38
C LYS H 204 -18.38 -66.96 -16.20
N GLU I 4 -32.62 86.12 65.23
CA GLU I 4 -33.77 86.54 66.05
C GLU I 4 -33.47 86.34 67.53
N PRO I 5 -33.19 85.09 67.94
CA PRO I 5 -32.90 84.76 69.33
C PRO I 5 -31.54 85.30 69.76
N ARG I 6 -31.51 86.55 70.21
CA ARG I 6 -30.28 87.19 70.65
C ARG I 6 -29.31 86.16 71.24
N LYS I 7 -29.71 85.50 72.33
CA LYS I 7 -28.82 84.55 72.99
C LYS I 7 -28.62 83.30 72.16
N VAL I 8 -29.66 82.88 71.43
CA VAL I 8 -29.53 81.71 70.56
C VAL I 8 -28.49 81.96 69.48
N ARG I 9 -28.61 83.09 68.77
CA ARG I 9 -27.61 83.43 67.76
C ARG I 9 -26.24 83.65 68.38
N GLU I 10 -26.20 84.20 69.59
CA GLU I 10 -24.92 84.37 70.29
C GLU I 10 -24.22 83.03 70.46
N PHE I 11 -24.91 82.06 71.06
CA PHE I 11 -24.31 80.74 71.27
C PHE I 11 -23.99 80.07 69.94
N ARG I 12 -24.87 80.21 68.94
CA ARG I 12 -24.64 79.60 67.63
C ARG I 12 -23.33 80.09 67.03
N ARG I 13 -23.19 81.42 66.89
CA ARG I 13 -21.98 81.97 66.31
C ARG I 13 -20.77 81.73 67.20
N ARG I 14 -20.97 81.59 68.50
CA ARG I 14 -19.86 81.25 69.40
C ARG I 14 -19.30 79.88 69.06
N GLU I 15 -20.17 78.86 69.03
CA GLU I 15 -19.74 77.53 68.61
C GLU I 15 -19.10 77.59 67.23
N GLN I 16 -19.71 78.33 66.31
CA GLN I 16 -19.23 78.37 64.92
C GLN I 16 -17.82 78.92 64.85
N GLU I 17 -17.57 80.09 65.45
CA GLU I 17 -16.25 80.70 65.34
C GLU I 17 -15.22 79.92 66.12
N ILE I 18 -15.60 79.34 67.27
CA ILE I 18 -14.66 78.52 68.03
C ILE I 18 -14.20 77.32 67.20
N LEU I 19 -15.14 76.55 66.69
CA LEU I 19 -14.74 75.36 65.95
C LEU I 19 -14.22 75.69 64.55
N ASP I 20 -14.44 76.89 64.04
CA ASP I 20 -13.75 77.32 62.82
C ASP I 20 -12.29 77.63 63.11
N THR I 21 -12.02 78.33 64.21
CA THR I 21 -10.65 78.47 64.69
C THR I 21 -10.00 77.10 64.84
N ALA I 22 -10.74 76.13 65.37
CA ALA I 22 -10.23 74.77 65.49
C ALA I 22 -9.93 74.17 64.12
N LEU I 23 -10.85 74.32 63.17
CA LEU I 23 -10.67 73.83 61.80
C LEU I 23 -9.35 74.34 61.22
N LYS I 24 -9.10 75.63 61.39
CA LYS I 24 -7.85 76.20 60.87
C LYS I 24 -6.65 75.71 61.67
N LEU I 25 -6.82 75.54 62.99
CA LEU I 25 -5.73 75.03 63.82
C LEU I 25 -5.26 73.66 63.34
N PHE I 26 -6.20 72.82 62.90
CA PHE I 26 -5.85 71.46 62.48
C PHE I 26 -5.55 71.38 61.00
N LEU I 27 -5.95 72.39 60.23
CA LEU I 27 -5.29 72.61 58.95
C LEU I 27 -3.83 72.96 59.15
N GLU I 28 -3.49 73.60 60.28
CA GLU I 28 -2.10 73.94 60.57
C GLU I 28 -1.35 72.75 61.18
N GLN I 29 -1.77 72.31 62.38
CA GLN I 29 -1.01 71.34 63.15
C GLN I 29 -1.56 69.92 63.03
N GLY I 30 -2.79 69.71 63.45
CA GLY I 30 -3.37 68.39 63.47
C GLY I 30 -4.29 68.22 64.67
N GLU I 31 -4.98 67.07 64.67
CA GLU I 31 -6.02 66.79 65.65
C GLU I 31 -5.55 65.93 66.82
N ASP I 32 -4.45 65.20 66.67
CA ASP I 32 -3.93 64.37 67.75
C ASP I 32 -3.08 65.17 68.72
N SER I 33 -2.05 65.87 68.20
CA SER I 33 -1.18 66.64 69.07
C SER I 33 -1.91 67.79 69.74
N VAL I 34 -2.95 68.32 69.10
CA VAL I 34 -3.68 69.46 69.62
C VAL I 34 -4.86 68.95 70.45
N THR I 35 -4.87 69.30 71.74
CA THR I 35 -5.89 68.88 72.68
C THR I 35 -6.99 69.94 72.75
N VAL I 36 -7.86 69.83 73.76
CA VAL I 36 -9.07 70.66 73.81
C VAL I 36 -8.74 72.08 74.27
N GLU I 37 -8.13 72.22 75.44
CA GLU I 37 -7.85 73.57 75.91
C GLU I 37 -6.75 74.25 75.11
N MET I 38 -6.02 73.53 74.27
CA MET I 38 -5.22 74.19 73.23
C MET I 38 -6.13 74.99 72.31
N ILE I 39 -7.24 74.40 71.87
CA ILE I 39 -8.22 75.15 71.09
C ILE I 39 -8.79 76.30 71.91
N ALA I 40 -8.99 76.06 73.22
CA ALA I 40 -9.53 77.11 74.07
C ALA I 40 -8.62 78.33 74.10
N ASP I 41 -7.35 78.14 74.45
CA ASP I 41 -6.42 79.26 74.48
C ASP I 41 -6.18 79.82 73.08
N ALA I 42 -6.37 79.03 72.04
CA ALA I 42 -6.27 79.55 70.68
C ALA I 42 -7.38 80.57 70.42
N VAL I 43 -8.62 80.24 70.78
CA VAL I 43 -9.72 81.16 70.52
C VAL I 43 -9.63 82.37 71.44
N GLY I 44 -9.42 82.15 72.74
CA GLY I 44 -9.27 83.23 73.69
C GLY I 44 -10.56 83.69 74.34
N ILE I 45 -11.37 82.73 74.77
CA ILE I 45 -12.56 82.98 75.58
C ILE I 45 -12.38 82.20 76.88
N GLY I 46 -13.25 82.49 77.86
CA GLY I 46 -13.25 81.73 79.09
C GLY I 46 -13.41 80.26 78.81
N LYS I 47 -12.35 79.47 79.06
CA LYS I 47 -12.32 78.10 78.56
C LYS I 47 -13.38 77.23 79.25
N GLY I 48 -13.89 77.65 80.40
CA GLY I 48 -15.12 77.06 80.90
C GLY I 48 -16.23 77.12 79.86
N THR I 49 -16.31 78.23 79.12
CA THR I 49 -17.25 78.30 78.02
C THR I 49 -16.86 77.36 76.88
N ILE I 50 -15.56 77.14 76.68
CA ILE I 50 -15.12 76.26 75.61
C ILE I 50 -15.58 74.84 75.87
N TYR I 51 -15.44 74.38 77.11
CA TYR I 51 -15.86 73.02 77.44
C TYR I 51 -17.38 72.84 77.45
N LYS I 52 -18.16 73.91 77.24
CA LYS I 52 -19.61 73.76 77.11
C LYS I 52 -19.98 72.94 75.89
N HIS I 53 -19.16 72.99 74.84
CA HIS I 53 -19.64 72.76 73.47
C HIS I 53 -20.22 71.37 73.26
N PHE I 54 -19.37 70.33 73.24
CA PHE I 54 -19.87 68.97 73.30
C PHE I 54 -19.18 68.17 74.41
N LYS I 55 -17.90 67.84 74.25
CA LYS I 55 -17.06 67.54 75.41
C LYS I 55 -15.58 67.91 75.22
N SER I 56 -15.08 67.75 74.00
CA SER I 56 -13.65 67.55 73.76
C SER I 56 -13.37 67.57 72.27
N LYS I 57 -12.23 67.02 71.85
CA LYS I 57 -11.96 66.76 70.43
C LYS I 57 -13.13 66.10 69.70
N ALA I 58 -13.99 65.38 70.42
CA ALA I 58 -15.30 65.01 69.88
C ALA I 58 -16.02 66.22 69.29
N GLU I 59 -15.88 67.41 69.90
CA GLU I 59 -16.38 68.63 69.28
C GLU I 59 -15.85 68.79 67.87
N ILE I 60 -14.54 68.62 67.71
CA ILE I 60 -13.88 68.77 66.41
C ILE I 60 -14.55 67.85 65.41
N TYR I 61 -14.49 66.55 65.69
CA TYR I 61 -14.95 65.56 64.73
C TYR I 61 -16.43 65.74 64.43
N LEU I 62 -17.24 65.86 65.50
CA LEU I 62 -18.68 65.96 65.37
C LEU I 62 -19.08 67.14 64.52
N ARG I 63 -18.75 68.35 64.96
CA ARG I 63 -19.27 69.51 64.24
C ARG I 63 -18.63 69.66 62.88
N LEU I 64 -17.44 69.11 62.64
CA LEU I 64 -16.91 69.12 61.29
C LEU I 64 -17.75 68.24 60.37
N MET I 65 -18.10 67.04 60.82
CA MET I 65 -19.03 66.24 60.03
C MET I 65 -20.38 66.94 59.88
N LEU I 66 -20.78 67.72 60.89
CA LEU I 66 -22.04 68.47 60.76
C LEU I 66 -21.94 69.53 59.68
N ASP I 67 -20.82 70.25 59.62
CA ASP I 67 -20.61 71.22 58.54
C ASP I 67 -20.63 70.54 57.19
N TYR I 68 -20.00 69.36 57.09
CA TYR I 68 -20.09 68.57 55.88
C TYR I 68 -21.54 68.28 55.53
N GLU I 69 -22.33 67.88 56.53
CA GLU I 69 -23.74 67.58 56.31
C GLU I 69 -24.48 68.81 55.81
N ARG I 70 -24.15 69.98 56.33
CA ARG I 70 -24.84 71.21 55.91
C ARG I 70 -24.43 71.62 54.51
N ASP I 71 -23.17 71.41 54.14
CA ASP I 71 -22.76 71.59 52.75
C ASP I 71 -23.60 70.70 51.84
N LEU I 72 -23.72 69.42 52.20
CA LEU I 72 -24.53 68.52 51.38
C LEU I 72 -26.00 68.95 51.38
N ALA I 73 -26.46 69.53 52.49
CA ALA I 73 -27.83 70.04 52.56
C ALA I 73 -28.04 71.14 51.53
N ALA I 74 -27.10 72.08 51.45
CA ALA I 74 -27.15 73.08 50.39
C ALA I 74 -27.05 72.43 49.01
N LEU I 75 -26.33 71.30 48.92
CA LEU I 75 -26.08 70.69 47.63
C LEU I 75 -27.25 69.91 47.08
N PHE I 76 -28.18 69.45 47.93
CA PHE I 76 -29.29 68.62 47.46
C PHE I 76 -30.04 69.20 46.26
N HIS I 77 -30.67 70.35 46.45
CA HIS I 77 -31.65 70.85 45.50
C HIS I 77 -31.65 72.37 45.55
N SER I 78 -31.87 72.98 44.38
CA SER I 78 -31.92 74.44 44.28
C SER I 78 -33.30 74.87 43.78
N GLU I 79 -33.39 76.10 43.27
CA GLU I 79 -34.66 76.63 42.77
C GLU I 79 -34.61 77.13 41.32
N ASP I 80 -35.24 76.38 40.42
CA ASP I 80 -35.29 76.73 38.99
C ASP I 80 -36.38 75.93 38.29
N VAL I 81 -36.90 76.47 37.19
CA VAL I 81 -37.95 75.77 36.44
C VAL I 81 -37.44 74.40 36.01
N ALA I 82 -38.22 73.37 36.34
CA ALA I 82 -37.82 72.01 36.01
C ALA I 82 -36.59 71.61 36.82
N ARG I 83 -36.09 72.57 37.58
CA ARG I 83 -34.90 72.35 38.42
C ARG I 83 -33.72 71.90 37.57
N ASP I 84 -33.26 72.82 36.70
CA ASP I 84 -32.29 72.50 35.65
C ASP I 84 -31.09 71.75 36.18
N LYS I 85 -30.54 70.88 35.33
CA LYS I 85 -29.62 69.83 35.75
C LYS I 85 -28.15 70.26 35.59
N GLU I 86 -27.85 71.00 34.53
CA GLU I 86 -26.45 71.33 34.24
C GLU I 86 -25.85 72.22 35.31
N ALA I 87 -26.61 73.21 35.80
CA ALA I 87 -26.08 74.15 36.79
C ALA I 87 -25.71 73.42 38.08
N LEU I 88 -26.66 72.65 38.63
CA LEU I 88 -26.39 71.92 39.87
C LEU I 88 -25.27 70.90 39.68
N SER I 89 -25.27 70.21 38.53
CA SER I 89 -24.21 69.23 38.26
C SER I 89 -22.84 69.90 38.24
N ARG I 90 -22.71 71.01 37.51
CA ARG I 90 -21.44 71.70 37.41
C ARG I 90 -21.00 72.24 38.77
N ALA I 91 -21.93 72.80 39.54
CA ALA I 91 -21.56 73.32 40.87
C ALA I 91 -21.09 72.20 41.79
N TYR I 92 -21.76 71.04 41.73
CA TYR I 92 -21.32 69.92 42.54
C TYR I 92 -19.95 69.42 42.11
N PHE I 93 -19.72 69.31 40.80
CA PHE I 93 -18.41 68.91 40.29
C PHE I 93 -17.33 69.86 40.81
N GLU I 94 -17.58 71.17 40.73
CA GLU I 94 -16.65 72.14 41.26
C GLU I 94 -16.38 71.89 42.73
N PHE I 95 -17.43 71.92 43.56
CA PHE I 95 -17.25 71.86 45.01
C PHE I 95 -16.54 70.58 45.43
N ARG I 96 -16.86 69.45 44.79
CA ARG I 96 -16.12 68.23 45.08
C ARG I 96 -14.68 68.33 44.61
N MET I 97 -14.42 69.10 43.56
CA MET I 97 -13.07 69.35 43.08
C MET I 97 -12.48 70.65 43.63
N ARG I 98 -12.98 71.14 44.76
CA ARG I 98 -12.54 72.38 45.37
C ARG I 98 -11.83 72.09 46.69
N ASP I 99 -10.84 72.93 47.00
CA ASP I 99 -10.16 72.96 48.30
C ASP I 99 -9.66 71.58 48.69
N PRO I 100 -8.61 71.07 48.05
CA PRO I 100 -8.16 69.69 48.35
C PRO I 100 -7.73 69.49 49.79
N GLN I 101 -7.15 70.50 50.44
CA GLN I 101 -6.72 70.33 51.83
C GLN I 101 -7.91 70.21 52.77
N ARG I 102 -9.02 70.88 52.46
CA ARG I 102 -10.23 70.69 53.24
C ARG I 102 -10.66 69.23 53.24
N TYR I 103 -10.73 68.64 52.04
CA TYR I 103 -11.10 67.23 51.93
C TYR I 103 -10.06 66.34 52.61
N ARG I 104 -8.78 66.72 52.54
CA ARG I 104 -7.73 65.95 53.21
C ARG I 104 -7.97 65.92 54.71
N LEU I 105 -8.21 67.08 55.31
CA LEU I 105 -8.44 67.12 56.75
C LEU I 105 -9.74 66.42 57.11
N PHE I 106 -10.74 66.45 56.22
CA PHE I 106 -11.95 65.66 56.47
C PHE I 106 -11.67 64.16 56.44
N ASP I 107 -10.77 63.73 55.56
CA ASP I 107 -10.35 62.33 55.60
C ASP I 107 -9.64 62.00 56.91
N ARG I 108 -8.82 62.94 57.41
CA ARG I 108 -8.18 62.74 58.70
C ARG I 108 -9.21 62.59 59.82
N LEU I 109 -10.24 63.45 59.80
CA LEU I 109 -11.30 63.37 60.80
C LEU I 109 -12.03 62.04 60.71
N GLU I 110 -12.37 61.62 59.48
CA GLU I 110 -12.99 60.32 59.25
C GLU I 110 -12.14 59.20 59.85
N GLU I 111 -10.83 59.25 59.58
CA GLU I 111 -9.91 58.23 60.04
C GLU I 111 -9.91 58.13 61.56
N LYS I 112 -9.82 59.28 62.24
CA LYS I 112 -9.77 59.24 63.70
C LYS I 112 -11.16 59.18 64.34
N VAL I 113 -12.23 59.27 63.55
CA VAL I 113 -13.55 58.93 64.06
C VAL I 113 -13.71 57.42 64.14
N VAL I 114 -13.41 56.73 63.04
CA VAL I 114 -13.64 55.28 63.03
C VAL I 114 -12.49 54.53 63.72
N LYS I 115 -11.29 55.12 63.77
CA LYS I 115 -10.21 54.52 64.54
C LYS I 115 -10.58 54.44 66.01
N THR I 116 -10.95 55.57 66.60
CA THR I 116 -11.56 55.58 67.91
C THR I 116 -13.01 55.12 67.77
N SER I 117 -13.77 55.19 68.85
CA SER I 117 -15.19 54.86 68.85
C SER I 117 -16.01 55.98 69.47
N GLN I 118 -15.59 57.23 69.24
CA GLN I 118 -16.31 58.37 69.81
C GLN I 118 -17.70 58.44 69.22
N VAL I 119 -17.81 58.79 67.93
CA VAL I 119 -19.10 58.87 67.25
C VAL I 119 -18.91 58.54 65.77
N PRO I 120 -18.76 57.26 65.39
CA PRO I 120 -18.97 56.89 63.98
C PRO I 120 -20.43 56.99 63.53
N GLU I 121 -21.35 57.30 64.43
CA GLU I 121 -22.72 57.61 64.02
C GLU I 121 -22.74 58.70 62.98
N MET I 122 -21.88 59.71 63.12
CA MET I 122 -21.81 60.76 62.10
C MET I 122 -21.26 60.21 60.79
N VAL I 123 -20.46 59.15 60.84
CA VAL I 123 -20.01 58.53 59.60
C VAL I 123 -21.16 57.82 58.92
N GLU I 124 -22.02 57.17 59.69
CA GLU I 124 -23.21 56.57 59.10
C GLU I 124 -24.16 57.65 58.57
N GLU I 125 -24.19 58.80 59.23
CA GLU I 125 -24.95 59.94 58.73
C GLU I 125 -24.37 60.44 57.41
N LEU I 126 -23.04 60.47 57.30
CA LEU I 126 -22.40 60.81 56.04
C LEU I 126 -22.81 59.83 54.95
N HIS I 127 -22.86 58.56 55.28
CA HIS I 127 -23.22 57.56 54.26
C HIS I 127 -24.69 57.67 53.87
N LYS I 128 -25.58 58.01 54.81
CA LYS I 128 -26.99 58.12 54.44
C LYS I 128 -27.22 59.38 53.60
N ILE I 129 -26.53 60.48 53.93
CA ILE I 129 -26.70 61.68 53.10
C ILE I 129 -26.09 61.44 51.74
N ARG I 130 -25.00 60.67 51.67
CA ARG I 130 -24.44 60.22 50.40
C ARG I 130 -25.49 59.45 49.59
N ALA I 131 -26.16 58.50 50.25
CA ALA I 131 -27.15 57.69 49.54
C ALA I 131 -28.31 58.54 49.04
N SER I 132 -28.81 59.45 49.87
CA SER I 132 -29.93 60.29 49.45
C SER I 132 -29.51 61.23 48.31
N ASN I 133 -28.31 61.78 48.38
CA ASN I 133 -27.82 62.63 47.30
C ASN I 133 -27.67 61.84 46.01
N PHE I 134 -27.16 60.61 46.09
CA PHE I 134 -27.07 59.76 44.91
C PHE I 134 -28.45 59.45 44.34
N GLU I 135 -29.43 59.24 45.23
CA GLU I 135 -30.78 58.96 44.76
C GLU I 135 -31.37 60.17 44.05
N ARG I 136 -31.15 61.38 44.60
CA ARG I 136 -31.65 62.58 43.93
C ARG I 136 -30.90 62.81 42.61
N LEU I 137 -29.62 62.46 42.58
CA LEU I 137 -28.85 62.50 41.33
C LEU I 137 -29.52 61.65 40.26
N THR I 138 -29.78 60.37 40.58
CA THR I 138 -30.49 59.51 39.65
C THR I 138 -31.85 60.07 39.30
N GLN I 139 -32.52 60.70 40.27
CA GLN I 139 -33.87 61.20 40.03
C GLN I 139 -33.89 62.29 38.97
N LEU I 140 -33.06 63.32 39.14
CA LEU I 140 -33.09 64.39 38.14
C LEU I 140 -32.36 64.00 36.86
N ILE I 141 -31.45 63.02 36.92
CA ILE I 141 -30.93 62.41 35.70
C ILE I 141 -32.06 61.82 34.87
N LYS I 142 -32.94 61.04 35.50
CA LYS I 142 -34.07 60.48 34.76
C LYS I 142 -35.08 61.57 34.39
N GLU I 143 -35.18 62.62 35.21
CA GLU I 143 -36.04 63.74 34.86
C GLU I 143 -35.62 64.36 33.54
N ARG I 144 -34.31 64.49 33.32
CA ARG I 144 -33.84 65.02 32.04
C ARG I 144 -33.87 63.97 30.93
N ILE I 145 -33.68 62.70 31.27
CA ILE I 145 -33.81 61.63 30.27
C ILE I 145 -35.25 61.47 29.82
N ALA I 146 -36.21 62.05 30.54
CA ALA I 146 -37.58 62.17 30.05
C ALA I 146 -37.63 62.63 28.60
N ASP I 147 -36.75 63.56 28.23
CA ASP I 147 -36.52 63.92 26.83
C ASP I 147 -35.25 63.31 26.27
N GLY I 148 -34.32 62.87 27.13
CA GLY I 148 -33.14 62.12 26.73
C GLY I 148 -31.84 62.87 26.97
N LYS I 149 -31.16 62.53 28.07
CA LYS I 149 -29.97 63.26 28.51
C LYS I 149 -28.74 62.38 28.59
N LEU I 150 -28.78 61.27 29.35
CA LEU I 150 -27.65 60.36 29.49
C LEU I 150 -27.99 59.00 28.91
N GLU I 151 -26.95 58.29 28.48
CA GLU I 151 -27.10 56.97 27.87
C GLU I 151 -27.69 55.98 28.86
N ASN I 152 -28.10 54.83 28.32
CA ASN I 152 -28.78 53.79 29.11
C ASN I 152 -27.76 52.85 29.75
N VAL I 153 -26.93 53.43 30.60
CA VAL I 153 -26.00 52.69 31.46
C VAL I 153 -26.47 52.94 32.89
N PRO I 154 -25.96 52.22 33.89
CA PRO I 154 -26.42 52.44 35.27
C PRO I 154 -26.12 53.85 35.74
N PRO I 155 -26.81 54.35 36.78
CA PRO I 155 -26.40 55.65 37.35
C PRO I 155 -25.15 55.54 38.20
N TYR I 156 -24.96 54.39 38.86
CA TYR I 156 -23.76 54.22 39.68
C TYR I 156 -22.50 54.20 38.82
N PHE I 157 -22.62 53.85 37.53
CA PHE I 157 -21.52 54.05 36.59
C PHE I 157 -21.05 55.50 36.60
N HIS I 158 -21.98 56.43 36.39
CA HIS I 158 -21.61 57.85 36.38
C HIS I 158 -21.17 58.31 37.77
N TYR I 159 -21.79 57.76 38.83
CA TYR I 159 -21.36 58.03 40.19
C TYR I 159 -19.88 57.76 40.37
N CYS I 160 -19.46 56.53 40.04
CA CYS I 160 -18.06 56.16 40.22
C CYS I 160 -17.15 56.87 39.23
N ALA I 161 -17.67 57.26 38.06
CA ALA I 161 -16.89 58.08 37.15
C ALA I 161 -16.53 59.42 37.78
N ALA I 162 -17.53 60.12 38.33
CA ALA I 162 -17.26 61.37 39.02
C ALA I 162 -16.41 61.16 40.26
N TRP I 163 -16.57 60.01 40.92
CA TRP I 163 -15.70 59.66 42.05
C TRP I 163 -14.24 59.65 41.63
N ALA I 164 -13.93 58.88 40.57
CA ALA I 164 -12.56 58.82 40.06
C ALA I 164 -12.07 60.18 39.63
N LEU I 165 -12.94 60.98 39.00
CA LEU I 165 -12.54 62.31 38.53
C LEU I 165 -12.13 63.19 39.70
N VAL I 166 -12.96 63.25 40.74
CA VAL I 166 -12.67 64.11 41.89
C VAL I 166 -11.40 63.66 42.58
N HIS I 167 -11.27 62.35 42.82
CA HIS I 167 -10.09 61.87 43.52
C HIS I 167 -8.83 62.10 42.68
N GLY I 168 -8.94 61.95 41.36
CA GLY I 168 -7.81 62.24 40.50
C GLY I 168 -7.38 63.69 40.59
N ALA I 169 -8.35 64.61 40.55
CA ALA I 169 -8.01 66.03 40.66
C ALA I 169 -7.31 66.33 41.98
N VAL I 170 -7.88 65.83 43.09
CA VAL I 170 -7.31 66.12 44.41
C VAL I 170 -5.93 65.51 44.55
N ALA I 171 -5.77 64.26 44.14
CA ALA I 171 -4.47 63.60 44.26
C ALA I 171 -3.43 64.21 43.35
N LEU I 172 -3.84 64.69 42.17
CA LEU I 172 -2.91 65.36 41.27
C LEU I 172 -2.41 66.65 41.91
N TYR I 173 -3.32 67.46 42.43
CA TYR I 173 -2.87 68.68 43.11
C TYR I 173 -2.24 68.39 44.47
N HIS I 174 -2.23 67.14 44.92
CA HIS I 174 -1.41 66.72 46.06
C HIS I 174 -0.05 66.15 45.64
N SER I 175 0.13 65.81 44.37
CA SER I 175 1.34 65.12 43.93
C SER I 175 2.53 66.08 43.94
N PRO I 176 3.60 65.81 44.72
CA PRO I 176 4.72 66.78 44.78
C PRO I 176 5.40 67.08 43.46
N PHE I 177 5.14 66.33 42.39
CA PHE I 177 5.82 66.54 41.11
C PHE I 177 5.10 67.57 40.26
N TRP I 178 3.82 67.34 39.94
CA TRP I 178 3.09 68.21 39.04
C TRP I 178 2.35 69.34 39.74
N ARG I 179 2.17 69.28 41.07
CA ARG I 179 1.39 70.31 41.74
C ARG I 179 2.06 71.68 41.62
N GLU I 180 3.39 71.72 41.57
CA GLU I 180 4.09 72.99 41.41
C GLU I 180 3.77 73.63 40.07
N VAL I 181 3.38 72.84 39.06
CA VAL I 181 3.09 73.37 37.74
C VAL I 181 1.64 73.82 37.65
N LEU I 182 0.71 73.00 38.14
CA LEU I 182 -0.71 73.26 37.98
C LEU I 182 -1.31 74.10 39.10
N GLU I 183 -0.57 74.34 40.19
CA GLU I 183 -1.09 75.14 41.29
C GLU I 183 -1.51 76.54 40.84
N ASP I 184 -0.88 77.07 39.80
CA ASP I 184 -1.19 78.38 39.25
C ASP I 184 -1.84 78.24 37.88
N GLN I 185 -2.72 77.25 37.73
CA GLN I 185 -3.43 76.96 36.48
C GLN I 185 -4.90 76.73 36.78
N GLU I 186 -5.69 77.81 36.79
CA GLU I 186 -7.14 77.67 36.80
C GLU I 186 -7.68 77.28 35.43
N GLY I 187 -6.93 77.54 34.37
CA GLY I 187 -7.28 76.95 33.08
C GLY I 187 -7.27 75.45 33.13
N PHE I 188 -6.40 74.86 33.95
CA PHE I 188 -6.46 73.42 34.18
C PHE I 188 -7.75 73.04 34.86
N PHE I 189 -8.26 73.88 35.77
CA PHE I 189 -9.54 73.59 36.40
C PHE I 189 -10.68 73.68 35.38
N HIS I 190 -10.64 74.66 34.49
CA HIS I 190 -11.64 74.75 33.43
C HIS I 190 -11.60 73.52 32.54
N PHE I 191 -10.39 73.07 32.18
CA PHE I 191 -10.24 71.86 31.40
C PHE I 191 -10.81 70.65 32.13
N LEU I 192 -10.49 70.52 33.43
CA LEU I 192 -11.05 69.43 34.23
C LEU I 192 -12.57 69.47 34.24
N MET I 193 -13.16 70.67 34.30
CA MET I 193 -14.60 70.77 34.30
C MET I 193 -15.19 70.38 32.95
N ASP I 194 -14.52 70.77 31.85
CA ASP I 194 -14.97 70.32 30.54
C ASP I 194 -14.94 68.79 30.43
N ILE I 195 -13.92 68.17 31.02
CA ILE I 195 -13.88 66.71 31.03
C ILE I 195 -15.01 66.15 31.88
N GLY I 196 -15.28 66.79 33.02
CA GLY I 196 -16.26 66.26 33.95
C GLY I 196 -17.68 66.35 33.44
N VAL I 197 -18.01 67.40 32.71
CA VAL I 197 -19.37 67.56 32.19
C VAL I 197 -19.61 66.78 30.90
N ARG I 198 -18.56 66.47 30.15
CA ARG I 198 -18.67 65.80 28.86
C ARG I 198 -18.36 64.30 28.96
N MET I 199 -18.75 63.66 30.06
CA MET I 199 -18.58 62.23 30.25
C MET I 199 -19.92 61.59 30.57
N GLY I 200 -20.05 60.32 30.17
CA GLY I 200 -21.27 59.56 30.40
C GLY I 200 -22.45 59.95 29.55
N ASN I 201 -22.29 60.89 28.63
CA ASN I 201 -23.41 61.42 27.86
C ASN I 201 -23.66 60.57 26.62
N LYS I 202 -24.93 60.43 26.26
CA LYS I 202 -25.30 59.66 25.08
C LYS I 202 -24.85 60.38 23.81
N ARG I 203 -24.80 59.63 22.72
CA ARG I 203 -24.36 60.13 21.42
C ARG I 203 -25.42 59.79 20.38
N LYS I 204 -25.78 60.78 19.57
CA LYS I 204 -26.79 60.60 18.53
C LYS I 204 -26.20 59.87 17.33
N LYS J 7 24.13 29.22 31.86
CA LYS J 7 24.85 30.48 31.82
C LYS J 7 23.89 31.61 31.46
N VAL J 8 23.74 31.86 30.15
CA VAL J 8 22.98 33.04 29.70
C VAL J 8 21.49 32.81 29.88
N ARG J 9 20.97 31.79 29.19
CA ARG J 9 19.54 31.53 29.29
C ARG J 9 19.17 31.10 30.70
N GLU J 10 20.13 30.52 31.42
CA GLU J 10 19.98 30.28 32.86
C GLU J 10 19.71 31.61 33.58
N PHE J 11 20.46 32.65 33.20
CA PHE J 11 20.25 33.99 33.76
C PHE J 11 18.83 34.47 33.49
N ARG J 12 18.36 34.31 32.24
CA ARG J 12 16.98 34.69 31.93
C ARG J 12 16.00 33.95 32.83
N ARG J 13 16.23 32.66 33.05
CA ARG J 13 15.34 31.86 33.89
C ARG J 13 15.24 32.46 35.28
N ARG J 14 16.39 32.63 35.94
CA ARG J 14 16.40 33.15 37.31
C ARG J 14 15.75 34.53 37.40
N GLU J 15 16.07 35.42 36.45
CA GLU J 15 15.50 36.77 36.51
C GLU J 15 13.99 36.74 36.40
N GLN J 16 13.47 36.05 35.38
CA GLN J 16 12.02 36.05 35.17
C GLN J 16 11.29 35.40 36.35
N GLU J 17 11.82 34.29 36.88
CA GLU J 17 11.17 33.66 38.02
C GLU J 17 11.15 34.58 39.22
N ILE J 18 12.27 35.26 39.49
CA ILE J 18 12.31 36.16 40.65
C ILE J 18 11.28 37.27 40.48
N LEU J 19 11.15 37.81 39.27
CA LEU J 19 10.20 38.90 39.06
C LEU J 19 8.78 38.43 39.31
N ASP J 20 8.38 37.31 38.69
CA ASP J 20 6.99 36.87 38.84
C ASP J 20 6.67 36.47 40.28
N THR J 21 7.62 35.82 40.95
CA THR J 21 7.44 35.49 42.37
C THR J 21 7.18 36.73 43.20
N ALA J 22 8.07 37.72 43.11
CA ALA J 22 7.88 38.93 43.91
C ALA J 22 6.59 39.65 43.51
N LEU J 23 6.17 39.54 42.24
CA LEU J 23 4.90 40.12 41.84
C LEU J 23 3.76 39.53 42.67
N LYS J 24 3.64 38.21 42.65
CA LYS J 24 2.57 37.56 43.43
C LYS J 24 2.63 37.96 44.89
N LEU J 25 3.79 37.75 45.51
CA LEU J 25 3.93 37.98 46.95
C LEU J 25 3.60 39.43 47.32
N PHE J 26 4.18 40.39 46.59
CA PHE J 26 3.91 41.79 46.90
C PHE J 26 2.44 42.14 46.70
N LEU J 27 1.84 41.68 45.58
CA LEU J 27 0.41 41.88 45.36
C LEU J 27 -0.40 41.46 46.57
N GLU J 28 -0.07 40.34 47.18
CA GLU J 28 -0.83 39.93 48.35
C GLU J 28 -0.52 40.80 49.56
N GLN J 29 0.77 40.99 49.88
CA GLN J 29 1.18 41.37 51.22
C GLN J 29 1.79 42.76 51.34
N GLY J 30 1.67 43.62 50.33
CA GLY J 30 2.43 44.86 50.43
C GLY J 30 3.91 44.60 50.26
N GLU J 31 4.73 45.47 50.86
CA GLU J 31 6.16 45.52 50.58
C GLU J 31 7.06 45.34 51.80
N ASP J 32 6.68 45.86 52.96
CA ASP J 32 7.49 45.60 54.16
C ASP J 32 7.43 44.14 54.54
N SER J 33 6.29 43.48 54.27
CA SER J 33 6.18 42.05 54.50
C SER J 33 7.14 41.28 53.62
N VAL J 34 6.98 41.41 52.30
CA VAL J 34 7.67 40.54 51.35
C VAL J 34 9.11 40.99 51.18
N THR J 35 10.01 40.02 51.10
CA THR J 35 11.44 40.27 51.07
C THR J 35 12.11 39.11 50.33
N VAL J 36 13.44 39.02 50.46
CA VAL J 36 14.26 38.11 49.67
C VAL J 36 13.87 36.64 49.86
N GLU J 37 13.22 36.28 50.96
CA GLU J 37 13.14 34.89 51.39
C GLU J 37 11.80 34.24 51.07
N MET J 38 10.69 34.95 51.29
CA MET J 38 9.45 34.54 50.64
C MET J 38 9.69 34.37 49.15
N ILE J 39 10.40 35.33 48.57
CA ILE J 39 10.61 35.34 47.14
C ILE J 39 11.56 34.21 46.75
N ALA J 40 12.55 33.92 47.59
CA ALA J 40 13.47 32.82 47.30
C ALA J 40 12.77 31.48 47.40
N ASP J 41 11.86 31.33 48.36
CA ASP J 41 11.13 30.08 48.53
C ASP J 41 10.22 29.82 47.34
N ALA J 42 9.41 30.81 46.97
CA ALA J 42 8.56 30.63 45.79
C ALA J 42 9.39 30.48 44.52
N VAL J 43 10.51 31.21 44.43
CA VAL J 43 11.53 30.94 43.43
C VAL J 43 11.95 29.48 43.50
N GLY J 44 12.43 29.05 44.67
CA GLY J 44 12.88 27.71 44.88
C GLY J 44 14.32 27.45 44.50
N ILE J 45 14.86 28.22 43.55
CA ILE J 45 16.26 28.09 43.14
C ILE J 45 17.12 29.16 43.83
N GLY J 46 16.68 29.66 44.98
CA GLY J 46 17.62 30.15 45.97
C GLY J 46 17.33 31.56 46.48
N LYS J 47 17.95 31.87 47.63
CA LYS J 47 18.13 33.22 48.16
C LYS J 47 19.33 33.97 47.58
N GLY J 48 20.24 33.29 46.90
CA GLY J 48 21.47 33.89 46.41
C GLY J 48 21.21 34.22 44.97
N THR J 49 20.43 33.31 44.38
CA THR J 49 19.55 33.64 43.27
C THR J 49 18.92 35.00 43.43
N ILE J 50 18.47 35.35 44.62
CA ILE J 50 18.10 36.73 44.90
C ILE J 50 19.36 37.58 45.08
N TYR J 51 20.20 37.24 46.08
CA TYR J 51 21.31 38.11 46.46
C TYR J 51 22.22 38.41 45.29
N LYS J 52 22.85 37.37 44.73
CA LYS J 52 23.89 37.55 43.73
C LYS J 52 23.39 38.30 42.50
N HIS J 53 22.07 38.29 42.25
CA HIS J 53 21.45 39.14 41.24
C HIS J 53 20.91 40.43 41.85
N PHE J 54 19.97 40.31 42.79
CA PHE J 54 19.29 41.44 43.41
C PHE J 54 19.50 41.41 44.92
N LYS J 55 20.34 42.30 45.43
CA LYS J 55 20.61 42.31 46.86
C LYS J 55 19.47 42.97 47.62
N SER J 56 19.25 44.25 47.39
CA SER J 56 18.30 45.00 48.20
C SER J 56 16.88 44.73 47.72
N LYS J 57 15.93 45.48 48.26
CA LYS J 57 14.52 45.31 47.91
C LYS J 57 14.07 46.24 46.80
N ALA J 58 14.82 47.31 46.51
CA ALA J 58 14.39 48.34 45.59
C ALA J 58 15.09 48.28 44.24
N GLU J 59 16.19 47.54 44.14
CA GLU J 59 16.62 47.06 42.82
C GLU J 59 15.44 46.45 42.09
N ILE J 60 14.66 45.64 42.80
CA ILE J 60 13.45 45.04 42.24
C ILE J 60 12.47 46.11 41.78
N TYR J 61 12.25 47.13 42.61
CA TYR J 61 11.22 48.11 42.29
C TYR J 61 11.61 48.90 41.05
N LEU J 62 12.87 49.31 40.98
CA LEU J 62 13.35 50.06 39.81
C LEU J 62 13.28 49.19 38.57
N ARG J 63 13.79 47.96 38.65
CA ARG J 63 13.67 47.00 37.56
C ARG J 63 12.23 46.87 37.08
N LEU J 64 11.32 46.61 38.01
CA LEU J 64 9.91 46.40 37.69
C LEU J 64 9.32 47.59 36.98
N MET J 65 9.49 48.78 37.55
CA MET J 65 8.81 49.93 37.00
C MET J 65 9.44 50.40 35.70
N LEU J 66 10.74 50.20 35.52
CA LEU J 66 11.32 50.51 34.22
C LEU J 66 10.86 49.52 33.16
N ASP J 67 10.70 48.25 33.52
CA ASP J 67 10.12 47.31 32.57
C ASP J 67 8.67 47.67 32.27
N TYR J 68 7.95 48.11 33.28
CA TYR J 68 6.56 48.55 33.11
C TYR J 68 6.48 49.71 32.14
N GLU J 69 7.40 50.68 32.26
CA GLU J 69 7.37 51.83 31.36
C GLU J 69 7.91 51.48 29.99
N ARG J 70 8.77 50.46 29.88
CA ARG J 70 9.14 49.96 28.57
C ARG J 70 7.95 49.33 27.87
N ASP J 71 7.13 48.60 28.63
CA ASP J 71 5.86 48.11 28.08
C ASP J 71 4.95 49.26 27.71
N LEU J 72 5.00 50.35 28.49
CA LEU J 72 4.20 51.52 28.16
C LEU J 72 4.69 52.22 26.90
N ALA J 73 5.99 52.12 26.61
CA ALA J 73 6.53 52.74 25.42
C ALA J 73 6.24 51.90 24.19
N ALA J 74 6.41 50.57 24.29
CA ALA J 74 5.97 49.68 23.23
C ALA J 74 4.48 49.81 23.00
N LEU J 75 3.72 50.06 24.07
CA LEU J 75 2.29 50.34 23.98
C LEU J 75 2.06 51.58 23.13
N PHE J 76 2.76 52.68 23.45
CA PHE J 76 2.67 53.90 22.66
C PHE J 76 3.47 53.71 21.39
N HIS J 77 2.87 52.96 20.47
CA HIS J 77 3.53 52.64 19.21
C HIS J 77 3.59 53.87 18.31
N SER J 78 4.76 54.07 17.71
CA SER J 78 4.93 55.03 16.62
C SER J 78 4.85 54.36 15.25
N GLU J 79 4.42 53.09 15.19
CA GLU J 79 4.38 52.38 13.92
C GLU J 79 3.31 52.98 13.01
N ASP J 80 2.06 52.97 13.44
CA ASP J 80 0.98 53.55 12.66
C ASP J 80 1.08 55.06 12.70
N VAL J 81 1.47 55.67 11.57
CA VAL J 81 1.50 57.12 11.48
C VAL J 81 0.11 57.70 11.71
N ALA J 82 -0.90 57.08 11.10
CA ALA J 82 -2.30 57.38 11.39
C ALA J 82 -2.84 56.44 12.48
N ARG J 83 -2.11 56.37 13.58
CA ARG J 83 -2.48 55.46 14.66
C ARG J 83 -3.80 55.87 15.28
N ASP J 84 -4.62 54.89 15.61
CA ASP J 84 -5.88 55.17 16.28
C ASP J 84 -5.57 55.59 17.71
N LYS J 85 -5.44 56.90 17.92
CA LYS J 85 -5.02 57.40 19.24
C LYS J 85 -6.08 57.10 20.30
N GLU J 86 -7.35 56.99 19.91
CA GLU J 86 -8.38 56.68 20.89
C GLU J 86 -8.23 55.25 21.38
N ALA J 87 -7.99 54.31 20.46
CA ALA J 87 -7.78 52.92 20.89
C ALA J 87 -6.46 52.77 21.63
N LEU J 88 -5.45 53.55 21.25
CA LEU J 88 -4.20 53.51 22.00
C LEU J 88 -4.40 54.03 23.41
N SER J 89 -5.24 55.05 23.59
CA SER J 89 -5.53 55.54 24.93
C SER J 89 -6.34 54.51 25.72
N ARG J 90 -7.24 53.80 25.04
CA ARG J 90 -7.95 52.70 25.69
C ARG J 90 -6.97 51.66 26.21
N ALA J 91 -6.03 51.23 25.36
CA ALA J 91 -5.02 50.27 25.76
C ALA J 91 -4.14 50.82 26.87
N TYR J 92 -3.89 52.14 26.87
CA TYR J 92 -3.11 52.76 27.93
C TYR J 92 -3.83 52.67 29.28
N PHE J 93 -5.09 53.09 29.31
CA PHE J 93 -5.88 52.98 30.52
C PHE J 93 -5.96 51.54 31.01
N GLU J 94 -6.11 50.60 30.08
CA GLU J 94 -6.21 49.20 30.49
C GLU J 94 -4.87 48.66 30.98
N PHE J 95 -3.77 49.06 30.35
CA PHE J 95 -2.45 48.62 30.77
C PHE J 95 -2.14 49.10 32.17
N ARG J 96 -2.56 50.31 32.52
CA ARG J 96 -2.25 50.85 33.84
C ARG J 96 -3.25 50.45 34.91
N MET J 97 -4.52 50.29 34.55
CA MET J 97 -5.56 50.01 35.54
C MET J 97 -5.72 48.53 35.85
N ARG J 98 -5.38 47.64 34.91
CA ARG J 98 -5.66 46.23 35.10
C ARG J 98 -4.79 45.64 36.20
N ASP J 99 -5.35 44.65 36.89
CA ASP J 99 -4.80 44.18 38.15
C ASP J 99 -4.61 45.40 39.04
N PRO J 100 -5.69 45.99 39.55
CA PRO J 100 -5.55 47.24 40.30
C PRO J 100 -4.62 47.14 41.49
N GLN J 101 -4.63 46.01 42.19
CA GLN J 101 -3.71 45.82 43.32
C GLN J 101 -2.26 45.90 42.86
N ARG J 102 -1.98 45.53 41.61
CA ARG J 102 -0.68 45.81 41.02
C ARG J 102 -0.37 47.30 41.06
N TYR J 103 -1.34 48.13 40.68
CA TYR J 103 -1.10 49.58 40.65
C TYR J 103 -0.98 50.15 42.06
N ARG J 104 -1.74 49.61 43.01
CA ARG J 104 -1.58 50.07 44.40
C ARG J 104 -0.23 49.66 44.94
N LEU J 105 0.25 48.47 44.59
CA LEU J 105 1.61 48.08 44.91
C LEU J 105 2.60 49.07 44.28
N PHE J 106 2.35 49.45 43.03
CA PHE J 106 3.23 50.40 42.35
C PHE J 106 3.26 51.72 43.09
N ASP J 107 2.11 52.22 43.53
CA ASP J 107 2.07 53.50 44.24
C ASP J 107 2.69 53.39 45.63
N ARG J 108 2.48 52.24 46.29
CA ARG J 108 3.11 52.00 47.58
C ARG J 108 4.63 52.09 47.45
N LEU J 109 5.20 51.33 46.51
CA LEU J 109 6.64 51.40 46.28
C LEU J 109 7.06 52.78 45.78
N GLU J 110 6.18 53.46 45.03
CA GLU J 110 6.48 54.79 44.53
C GLU J 110 6.72 55.75 45.69
N GLU J 111 5.74 55.89 46.57
CA GLU J 111 5.88 56.79 47.69
C GLU J 111 6.88 56.27 48.72
N LYS J 112 7.21 54.98 48.68
CA LYS J 112 8.29 54.47 49.51
C LYS J 112 9.63 55.00 49.03
N VAL J 113 10.00 54.67 47.79
CA VAL J 113 11.36 54.93 47.31
C VAL J 113 11.53 56.33 46.72
N VAL J 114 10.45 57.08 46.53
CA VAL J 114 10.60 58.52 46.35
C VAL J 114 11.18 59.13 47.62
N LYS J 115 10.85 58.54 48.77
CA LYS J 115 11.38 59.00 50.04
C LYS J 115 12.75 58.38 50.32
N THR J 116 12.85 57.05 50.25
CA THR J 116 14.10 56.37 50.57
C THR J 116 15.10 56.52 49.43
N SER J 117 14.74 56.08 48.23
CA SER J 117 15.58 56.18 47.05
C SER J 117 16.92 55.48 47.27
N GLN J 118 16.82 54.14 47.36
CA GLN J 118 17.99 53.31 47.66
C GLN J 118 19.11 53.55 46.66
N VAL J 119 18.78 53.53 45.36
CA VAL J 119 19.75 53.75 44.30
C VAL J 119 19.30 54.99 43.53
N PRO J 120 19.78 56.19 43.89
CA PRO J 120 19.22 57.41 43.26
C PRO J 120 19.54 57.54 41.78
N GLU J 121 20.65 56.98 41.30
CA GLU J 121 20.99 57.13 39.89
C GLU J 121 19.95 56.47 38.99
N MET J 122 19.43 55.33 39.42
CA MET J 122 18.32 54.72 38.69
C MET J 122 17.10 55.63 38.68
N VAL J 123 16.93 56.44 39.71
CA VAL J 123 15.78 57.35 39.76
C VAL J 123 16.01 58.54 38.84
N GLU J 124 17.25 59.01 38.74
CA GLU J 124 17.58 60.04 37.77
C GLU J 124 17.29 59.53 36.35
N GLU J 125 17.80 58.35 36.04
CA GLU J 125 17.48 57.70 34.77
C GLU J 125 15.97 57.56 34.60
N LEU J 126 15.28 57.26 35.69
CA LEU J 126 13.84 57.02 35.62
C LEU J 126 13.09 58.29 35.26
N HIS J 127 13.41 59.40 35.91
CA HIS J 127 12.75 60.65 35.59
C HIS J 127 13.12 61.11 34.19
N LYS J 128 14.37 60.88 33.78
CA LYS J 128 14.79 61.22 32.43
C LYS J 128 13.98 60.44 31.39
N ILE J 129 13.92 59.12 31.54
CA ILE J 129 13.23 58.30 30.56
C ILE J 129 11.73 58.49 30.65
N ARG J 130 11.23 58.80 31.85
CA ARG J 130 9.84 59.22 31.99
C ARG J 130 9.57 60.46 31.17
N ALA J 131 10.48 61.43 31.21
CA ALA J 131 10.33 62.63 30.39
C ALA J 131 10.38 62.27 28.92
N SER J 132 11.20 61.30 28.54
CA SER J 132 11.26 60.88 27.14
C SER J 132 9.93 60.28 26.70
N ASN J 133 9.41 59.33 27.48
CA ASN J 133 8.11 58.74 27.17
C ASN J 133 7.02 59.79 27.19
N PHE J 134 7.12 60.74 28.13
CA PHE J 134 6.14 61.81 28.21
C PHE J 134 6.22 62.71 26.99
N GLU J 135 7.41 62.87 26.41
CA GLU J 135 7.54 63.73 25.24
C GLU J 135 6.99 63.05 24.00
N ARG J 136 7.20 61.73 23.88
CA ARG J 136 6.53 60.99 22.83
C ARG J 136 5.02 61.08 22.98
N LEU J 137 4.53 60.78 24.18
CA LEU J 137 3.14 60.98 24.55
C LEU J 137 2.68 62.40 24.23
N THR J 138 3.55 63.38 24.40
CA THR J 138 3.21 64.78 24.19
C THR J 138 3.03 65.06 22.70
N GLN J 139 3.97 64.58 21.89
CA GLN J 139 3.81 64.67 20.44
C GLN J 139 2.53 63.99 20.00
N LEU J 140 2.17 62.88 20.64
CA LEU J 140 0.95 62.19 20.25
C LEU J 140 -0.29 62.93 20.70
N ILE J 141 -0.21 63.64 21.84
CA ILE J 141 -1.29 64.53 22.25
C ILE J 141 -1.45 65.65 21.23
N LYS J 142 -0.33 66.16 20.71
CA LYS J 142 -0.41 67.16 19.65
C LYS J 142 -1.06 66.57 18.41
N GLU J 143 -0.73 65.33 18.08
CA GLU J 143 -1.31 64.66 16.91
C GLU J 143 -2.82 64.53 17.06
N ARG J 144 -3.29 64.14 18.26
CA ARG J 144 -4.72 63.96 18.47
C ARG J 144 -5.45 65.26 18.78
N ILE J 145 -4.73 66.35 19.05
CA ILE J 145 -5.35 67.66 19.12
C ILE J 145 -5.46 68.27 17.74
N ALA J 146 -4.52 67.96 16.84
CA ALA J 146 -4.50 68.57 15.51
C ALA J 146 -5.75 68.19 14.71
N ASP J 147 -6.08 66.89 14.70
CA ASP J 147 -7.26 66.45 13.96
C ASP J 147 -8.56 66.93 14.61
N GLY J 148 -8.52 67.32 15.88
CA GLY J 148 -9.66 67.91 16.54
C GLY J 148 -10.49 66.92 17.35
N LYS J 149 -9.82 66.09 18.15
CA LYS J 149 -10.46 65.19 19.11
C LYS J 149 -10.26 65.63 20.55
N LEU J 150 -9.08 66.15 20.88
CA LEU J 150 -8.78 66.63 22.22
C LEU J 150 -9.02 68.13 22.30
N GLU J 151 -9.07 68.65 23.52
CA GLU J 151 -9.24 70.07 23.74
C GLU J 151 -7.91 70.78 23.44
N ASN J 152 -8.01 71.92 22.74
CA ASN J 152 -6.84 72.64 22.28
C ASN J 152 -6.26 73.42 23.45
N VAL J 153 -5.43 72.74 24.22
CA VAL J 153 -4.74 73.31 25.37
C VAL J 153 -3.33 72.71 25.33
N PRO J 154 -2.41 73.09 26.22
CA PRO J 154 -1.10 72.45 26.24
C PRO J 154 -1.23 70.95 26.46
N PRO J 155 -0.28 70.14 25.97
CA PRO J 155 -0.43 68.68 26.13
C PRO J 155 -0.30 68.18 27.56
N TYR J 156 0.55 68.83 28.36
CA TYR J 156 0.79 68.33 29.71
C TYR J 156 -0.45 68.45 30.58
N PHE J 157 -1.38 69.34 30.23
CA PHE J 157 -2.72 69.30 30.81
C PHE J 157 -3.30 67.91 30.70
N HIS J 158 -3.35 67.38 29.47
CA HIS J 158 -3.91 66.06 29.24
C HIS J 158 -3.05 64.97 29.87
N TYR J 159 -1.73 65.18 29.93
CA TYR J 159 -0.84 64.25 30.61
C TYR J 159 -1.25 64.06 32.07
N CYS J 160 -1.30 65.17 32.82
CA CYS J 160 -1.68 65.10 34.22
C CYS J 160 -3.11 64.60 34.37
N ALA J 161 -3.99 64.95 33.42
CA ALA J 161 -5.37 64.47 33.50
C ALA J 161 -5.45 62.96 33.39
N ALA J 162 -4.70 62.38 32.45
CA ALA J 162 -4.71 60.93 32.28
C ALA J 162 -4.11 60.24 33.50
N TRP J 163 -3.00 60.76 34.02
CA TRP J 163 -2.43 60.17 35.23
C TRP J 163 -3.41 60.23 36.39
N ALA J 164 -4.06 61.38 36.56
CA ALA J 164 -5.06 61.54 37.62
C ALA J 164 -6.22 60.57 37.44
N LEU J 165 -6.69 60.40 36.20
CA LEU J 165 -7.82 59.51 35.97
C LEU J 165 -7.47 58.08 36.30
N VAL J 166 -6.28 57.63 35.89
CA VAL J 166 -5.89 56.25 36.20
C VAL J 166 -5.72 56.07 37.70
N HIS J 167 -5.07 57.02 38.36
CA HIS J 167 -4.87 56.89 39.81
C HIS J 167 -6.21 56.90 40.55
N GLY J 168 -7.17 57.70 40.06
CA GLY J 168 -8.47 57.72 40.70
C GLY J 168 -9.26 56.45 40.45
N ALA J 169 -9.15 55.88 39.25
CA ALA J 169 -9.79 54.59 39.00
C ALA J 169 -9.17 53.49 39.86
N VAL J 170 -7.88 53.58 40.13
CA VAL J 170 -7.25 52.59 41.01
C VAL J 170 -7.75 52.76 42.45
N ALA J 171 -7.81 54.00 42.93
CA ALA J 171 -8.36 54.25 44.26
C ALA J 171 -9.80 53.77 44.35
N LEU J 172 -10.56 53.94 43.27
CA LEU J 172 -11.91 53.38 43.20
C LEU J 172 -11.88 51.87 43.30
N TYR J 173 -10.93 51.23 42.64
CA TYR J 173 -10.73 49.79 42.70
C TYR J 173 -9.99 49.37 43.98
N HIS J 174 -9.84 50.28 44.95
CA HIS J 174 -9.50 49.90 46.31
C HIS J 174 -10.30 50.65 47.36
N SER J 175 -11.25 51.49 46.97
CA SER J 175 -12.12 52.09 47.96
C SER J 175 -12.93 51.00 48.66
N PRO J 176 -13.17 51.10 49.97
CA PRO J 176 -13.87 50.00 50.66
C PRO J 176 -15.33 49.87 50.26
N PHE J 177 -15.89 50.80 49.49
CA PHE J 177 -17.30 50.77 49.10
C PHE J 177 -17.50 50.22 47.69
N TRP J 178 -16.86 50.82 46.70
CA TRP J 178 -17.11 50.52 45.30
C TRP J 178 -16.06 49.62 44.65
N ARG J 179 -15.01 49.23 45.38
CA ARG J 179 -14.10 48.22 44.86
C ARG J 179 -14.83 46.94 44.52
N GLU J 180 -15.58 46.40 45.49
CA GLU J 180 -16.33 45.18 45.26
C GLU J 180 -17.42 45.38 44.22
N VAL J 181 -17.90 46.62 44.04
CA VAL J 181 -18.87 46.89 43.00
C VAL J 181 -18.21 46.87 41.63
N LEU J 182 -16.91 47.19 41.56
CA LEU J 182 -16.22 47.39 40.29
C LEU J 182 -14.86 46.72 40.21
N GLU J 183 -14.52 45.82 41.14
CA GLU J 183 -13.22 45.15 41.06
C GLU J 183 -13.09 44.31 39.80
N ASP J 184 -14.20 43.84 39.22
CA ASP J 184 -14.17 43.05 38.00
C ASP J 184 -15.26 43.45 37.02
N GLN J 185 -15.77 44.68 37.11
CA GLN J 185 -16.80 45.16 36.17
C GLN J 185 -16.11 45.51 34.87
N GLU J 186 -16.02 44.51 33.97
CA GLU J 186 -15.48 44.77 32.64
C GLU J 186 -16.31 45.82 31.91
N GLY J 187 -17.63 45.81 32.13
CA GLY J 187 -18.46 46.87 31.58
C GLY J 187 -18.05 48.24 32.10
N PHE J 188 -17.88 48.37 33.41
CA PHE J 188 -17.45 49.65 33.96
C PHE J 188 -15.98 49.92 33.65
N PHE J 189 -15.16 48.88 33.49
CA PHE J 189 -13.79 49.09 33.06
C PHE J 189 -13.75 49.77 31.69
N HIS J 190 -14.55 49.26 30.75
CA HIS J 190 -14.63 49.90 29.44
C HIS J 190 -15.33 51.25 29.53
N PHE J 191 -16.24 51.43 30.48
CA PHE J 191 -16.83 52.74 30.73
C PHE J 191 -15.76 53.76 31.10
N LEU J 192 -14.92 53.43 32.07
CA LEU J 192 -13.78 54.28 32.44
C LEU J 192 -12.89 54.54 31.23
N MET J 193 -12.59 53.50 30.46
CA MET J 193 -11.68 53.66 29.33
C MET J 193 -12.27 54.60 28.29
N ASP J 194 -13.56 54.45 27.97
CA ASP J 194 -14.18 55.32 26.97
C ASP J 194 -14.29 56.75 27.47
N ILE J 195 -14.53 56.94 28.77
CA ILE J 195 -14.59 58.30 29.29
C ILE J 195 -13.22 58.96 29.21
N GLY J 196 -12.17 58.23 29.62
CA GLY J 196 -10.82 58.77 29.51
C GLY J 196 -10.34 58.91 28.09
N VAL J 197 -10.96 58.21 27.15
CA VAL J 197 -10.53 58.22 25.76
C VAL J 197 -11.33 59.24 24.95
N ARG J 198 -12.60 59.43 25.29
CA ARG J 198 -13.42 60.45 24.69
C ARG J 198 -13.25 61.82 25.35
N MET J 199 -12.17 62.01 26.11
CA MET J 199 -11.91 63.29 26.74
C MET J 199 -11.51 64.33 25.70
N GLY J 200 -11.75 65.59 26.03
CA GLY J 200 -11.37 66.68 25.15
C GLY J 200 -12.20 66.81 23.89
N ASN J 201 -13.25 66.00 23.74
CA ASN J 201 -14.10 66.10 22.57
C ASN J 201 -15.07 67.27 22.74
N LYS J 202 -15.18 68.07 21.68
CA LYS J 202 -16.06 69.24 21.71
C LYS J 202 -17.51 68.81 21.92
N ARG J 203 -18.19 69.50 22.82
CA ARG J 203 -19.59 69.20 23.13
C ARG J 203 -20.46 69.55 21.93
N LYS J 204 -21.01 68.53 21.29
CA LYS J 204 -21.87 68.73 20.12
C LYS J 204 -23.16 69.44 20.51
#